data_3E0R
#
_entry.id   3E0R
#
_cell.length_a   114.742
_cell.length_b   130.741
_cell.length_c   91.535
_cell.angle_alpha   90.00
_cell.angle_beta   90.00
_cell.angle_gamma   90.00
#
_symmetry.space_group_name_H-M   'P 21 21 2'
#
loop_
_entity.id
_entity.type
_entity.pdbx_description
1 polymer 'C3-degrading proteinase (CppA protein)'
2 non-polymer 'CHLORIDE ION'
3 water water
#
_entity_poly.entity_id   1
_entity_poly.type   'polypeptide(L)'
_entity_poly.pdbx_seq_one_letter_code
;SNA(MSE)NVNQIVRIIPTLKANNRKLNETFYIETLG(MSE)KALLEESAFLSLGDQTGLEKLVLEEAPS(MSE)RTRKV
EGRKKLARLIVKVENPLEIEGILSKTDSIHRLYKGQNGYAFEIFSPEDDLILIHAEDDIASLVEVGEKPEFQTDLASISL
SKFEIS(MSE)ELHLPTDIESFLESSEIGASLDFIPAQGQDLTVDNTVTWDLS(MSE)LKFLVNELDIASLRQKFESTEY
FIPKSEKFFLGKDRNNVELWFEEV
;
_entity_poly.pdbx_strand_id   A,B,C,D
#
# COMPACT_ATOMS: atom_id res chain seq x y z
N VAL A 6 -0.59 24.00 -4.24
CA VAL A 6 -0.82 24.39 -5.71
C VAL A 6 -1.41 23.18 -6.49
N ASN A 7 -2.55 23.42 -7.15
CA ASN A 7 -3.34 22.37 -7.87
C ASN A 7 -4.16 21.44 -6.94
N GLN A 8 -4.50 21.87 -5.73
CA GLN A 8 -5.39 21.10 -4.85
C GLN A 8 -6.87 21.09 -5.35
N ILE A 9 -7.43 19.89 -5.39
CA ILE A 9 -8.72 19.63 -6.02
C ILE A 9 -9.84 20.04 -5.07
N VAL A 10 -10.63 21.01 -5.54
CA VAL A 10 -11.79 21.52 -4.84
C VAL A 10 -13.09 20.78 -5.28
N ARG A 11 -13.24 20.53 -6.59
CA ARG A 11 -14.36 19.79 -7.11
C ARG A 11 -14.03 19.13 -8.46
N ILE A 12 -14.59 17.94 -8.70
CA ILE A 12 -14.47 17.24 -9.98
C ILE A 12 -15.83 17.23 -10.66
N ILE A 13 -15.87 17.75 -11.90
CA ILE A 13 -17.09 17.77 -12.73
C ILE A 13 -16.93 16.89 -14.01
N PRO A 14 -17.71 15.78 -14.07
CA PRO A 14 -17.77 14.93 -15.24
C PRO A 14 -18.63 15.57 -16.32
N THR A 15 -18.23 15.32 -17.57
CA THR A 15 -19.00 15.62 -18.77
C THR A 15 -19.33 14.29 -19.38
N LEU A 16 -20.64 14.04 -19.52
CA LEU A 16 -21.19 12.91 -20.24
C LEU A 16 -21.72 13.40 -21.59
N LYS A 17 -21.38 12.67 -22.64
CA LYS A 17 -21.96 12.93 -23.96
C LYS A 17 -23.43 12.43 -24.02
N ALA A 18 -24.28 13.27 -24.63
CA ALA A 18 -25.74 13.09 -24.71
C ALA A 18 -26.11 13.12 -26.18
N ASN A 19 -27.01 12.22 -26.60
CA ASN A 19 -27.50 12.19 -27.99
C ASN A 19 -28.65 13.17 -28.16
N ASN A 20 -29.82 12.82 -27.64
CA ASN A 20 -30.95 13.73 -27.70
C ASN A 20 -30.96 14.60 -26.46
N ARG A 21 -30.83 15.90 -26.66
CA ARG A 21 -30.85 16.86 -25.57
C ARG A 21 -32.12 16.82 -24.73
N LYS A 22 -33.26 16.96 -25.38
CA LYS A 22 -34.51 17.03 -24.65
C LYS A 22 -34.68 15.76 -23.81
N LEU A 23 -34.35 14.59 -24.37
CA LEU A 23 -34.39 13.34 -23.62
C LEU A 23 -33.60 13.42 -22.34
N ASN A 24 -32.34 13.80 -22.48
CA ASN A 24 -31.40 13.88 -21.36
C ASN A 24 -31.85 14.96 -20.34
N GLU A 25 -32.34 16.08 -20.84
CA GLU A 25 -32.91 17.14 -19.96
C GLU A 25 -34.06 16.61 -19.13
N THR A 26 -34.99 15.92 -19.79
CA THR A 26 -36.14 15.38 -19.13
C THR A 26 -35.76 14.45 -17.99
N PHE A 27 -34.63 13.77 -18.16
CA PHE A 27 -34.16 12.76 -17.21
C PHE A 27 -33.50 13.44 -16.00
N TYR A 28 -32.53 14.30 -16.28
CA TYR A 28 -31.70 14.84 -15.21
C TYR A 28 -32.39 15.94 -14.42
N ILE A 29 -33.22 16.70 -15.14
CA ILE A 29 -33.94 17.82 -14.55
C ILE A 29 -35.27 17.34 -14.05
N GLU A 30 -36.11 16.83 -14.96
CA GLU A 30 -37.48 16.51 -14.58
C GLU A 30 -37.49 15.27 -13.70
N THR A 31 -36.77 14.24 -14.09
CA THR A 31 -36.88 12.99 -13.34
C THR A 31 -36.04 13.11 -12.05
N LEU A 32 -34.77 13.47 -12.19
CA LEU A 32 -33.86 13.40 -11.04
C LEU A 32 -33.87 14.61 -10.11
N GLY A 33 -34.34 15.75 -10.57
CA GLY A 33 -34.43 16.93 -9.72
C GLY A 33 -33.27 17.90 -9.76
N LYS A 35 -30.94 21.08 -11.40
CA LYS A 35 -31.14 22.42 -11.88
C LYS A 35 -30.21 22.76 -13.08
N ALA A 36 -30.77 23.40 -14.11
CA ALA A 36 -30.03 23.84 -15.27
C ALA A 36 -29.43 25.12 -14.85
N LEU A 37 -28.12 25.22 -14.95
CA LEU A 37 -27.44 26.39 -14.49
C LEU A 37 -27.17 27.35 -15.64
N LEU A 38 -26.73 26.78 -16.73
CA LEU A 38 -26.24 27.51 -17.87
C LEU A 38 -26.87 26.73 -18.97
N GLU A 39 -27.36 27.45 -19.96
CA GLU A 39 -27.96 26.81 -21.11
C GLU A 39 -27.29 27.35 -22.33
N GLU A 40 -26.12 26.77 -22.60
CA GLU A 40 -25.44 27.00 -23.84
C GLU A 40 -25.99 26.02 -24.87
N SER A 41 -25.63 26.21 -26.14
CA SER A 41 -26.09 25.32 -27.21
C SER A 41 -25.30 24.02 -27.31
N ALA A 42 -24.01 24.08 -27.00
CA ALA A 42 -23.14 22.90 -26.97
C ALA A 42 -23.51 22.03 -25.77
N PHE A 43 -23.85 22.67 -24.66
CA PHE A 43 -24.03 21.93 -23.42
C PHE A 43 -24.97 22.52 -22.33
N LEU A 44 -25.42 21.57 -21.54
CA LEU A 44 -26.20 21.77 -20.39
C LEU A 44 -25.30 21.63 -19.12
N SER A 45 -25.30 22.70 -18.36
CA SER A 45 -24.58 22.79 -17.11
C SER A 45 -25.60 22.44 -16.07
N LEU A 46 -25.40 21.33 -15.34
CA LEU A 46 -26.31 20.89 -14.28
C LEU A 46 -25.68 20.99 -12.87
N GLY A 47 -26.54 21.29 -11.91
CA GLY A 47 -26.14 21.42 -10.51
C GLY A 47 -27.37 21.37 -9.62
N ASP A 48 -27.34 22.06 -8.49
CA ASP A 48 -28.43 22.04 -7.50
C ASP A 48 -28.74 23.47 -7.08
N GLN A 49 -29.29 23.67 -5.89
CA GLN A 49 -29.70 25.00 -5.51
C GLN A 49 -28.59 25.78 -4.94
N THR A 50 -27.43 25.18 -4.76
CA THR A 50 -26.21 25.96 -4.44
C THR A 50 -25.79 26.83 -5.63
N GLY A 51 -26.22 26.41 -6.81
CA GLY A 51 -25.98 27.17 -8.01
C GLY A 51 -24.66 26.80 -8.60
N LEU A 52 -24.02 25.76 -8.05
CA LEU A 52 -22.71 25.29 -8.49
C LEU A 52 -22.86 24.15 -9.44
N GLU A 53 -22.08 24.19 -10.52
CA GLU A 53 -22.04 23.18 -11.51
C GLU A 53 -21.44 21.89 -10.93
N LYS A 54 -22.14 20.78 -11.14
CA LYS A 54 -21.69 19.46 -10.69
C LYS A 54 -21.64 18.37 -11.79
N LEU A 55 -22.37 18.58 -12.88
CA LEU A 55 -22.44 17.65 -14.00
C LEU A 55 -22.66 18.46 -15.26
N VAL A 56 -22.04 18.04 -16.35
CA VAL A 56 -22.19 18.72 -17.64
C VAL A 56 -22.57 17.64 -18.65
N LEU A 57 -23.68 17.86 -19.39
CA LEU A 57 -24.01 17.05 -20.57
C LEU A 57 -23.58 17.74 -21.83
N GLU A 58 -23.01 16.96 -22.73
CA GLU A 58 -22.49 17.48 -23.97
C GLU A 58 -23.07 16.76 -25.19
N GLU A 59 -23.68 17.53 -26.07
CA GLU A 59 -24.38 16.95 -27.23
C GLU A 59 -23.45 16.46 -28.33
N ALA A 60 -23.66 15.23 -28.76
CA ALA A 60 -22.98 14.69 -29.91
C ALA A 60 -24.03 14.07 -30.85
N PRO A 61 -24.07 14.47 -32.14
CA PRO A 61 -25.05 13.92 -33.09
C PRO A 61 -24.83 12.44 -33.49
N SER A 62 -25.91 11.69 -33.70
CA SER A 62 -25.75 10.31 -34.16
C SER A 62 -24.94 10.21 -35.46
N ARG A 64 -22.12 11.35 -36.07
CA ARG A 64 -20.70 11.31 -35.73
C ARG A 64 -20.42 10.29 -34.60
N THR A 65 -21.47 9.74 -34.03
CA THR A 65 -21.36 9.16 -32.70
C THR A 65 -22.11 7.84 -32.65
N ARG A 66 -21.65 6.92 -31.80
CA ARG A 66 -22.35 5.68 -31.60
C ARG A 66 -22.37 5.23 -30.16
N LYS A 67 -23.15 4.18 -29.93
CA LYS A 67 -23.39 3.62 -28.63
C LYS A 67 -22.14 2.80 -28.23
N VAL A 68 -21.75 2.87 -26.96
CA VAL A 68 -20.73 1.94 -26.44
C VAL A 68 -21.19 0.46 -26.56
N GLU A 69 -20.24 -0.39 -26.92
CA GLU A 69 -20.41 -1.81 -26.85
C GLU A 69 -19.59 -2.29 -25.66
N GLY A 70 -20.27 -2.94 -24.73
CA GLY A 70 -19.62 -3.46 -23.54
C GLY A 70 -19.63 -2.41 -22.46
N ARG A 71 -18.70 -2.55 -21.54
CA ARG A 71 -18.64 -1.68 -20.40
C ARG A 71 -18.33 -0.27 -20.89
N LYS A 72 -18.91 0.70 -20.19
CA LYS A 72 -18.64 2.10 -20.50
C LYS A 72 -17.53 2.54 -19.59
N LYS A 73 -16.82 3.59 -19.98
CA LYS A 73 -15.81 4.22 -19.12
C LYS A 73 -16.47 4.66 -17.78
N LEU A 74 -17.69 5.16 -17.87
CA LEU A 74 -18.49 5.46 -16.68
C LEU A 74 -19.14 4.15 -16.27
N ALA A 75 -18.68 3.59 -15.17
CA ALA A 75 -19.28 2.42 -14.56
C ALA A 75 -20.60 2.84 -13.89
N ARG A 76 -20.55 3.78 -12.94
CA ARG A 76 -21.75 4.37 -12.33
C ARG A 76 -21.53 5.83 -11.93
N LEU A 77 -22.53 6.70 -12.11
CA LEU A 77 -22.57 8.02 -11.50
C LEU A 77 -23.28 7.92 -10.20
N ILE A 78 -22.68 8.48 -9.16
CA ILE A 78 -23.20 8.41 -7.79
C ILE A 78 -23.59 9.81 -7.33
N VAL A 79 -24.86 9.95 -6.98
CA VAL A 79 -25.43 11.24 -6.58
C VAL A 79 -25.82 11.08 -5.14
N LYS A 80 -25.04 11.67 -4.26
CA LYS A 80 -25.30 11.62 -2.83
C LYS A 80 -26.11 12.83 -2.48
N VAL A 81 -27.36 12.60 -2.12
CA VAL A 81 -28.31 13.65 -1.76
C VAL A 81 -28.24 13.94 -0.25
N GLU A 82 -28.25 15.23 0.09
CA GLU A 82 -28.29 15.67 1.51
C GLU A 82 -29.59 15.31 2.30
N ASN A 83 -30.75 15.81 1.87
CA ASN A 83 -32.02 15.49 2.52
C ASN A 83 -32.56 14.16 1.94
N PRO A 84 -32.74 13.14 2.79
CA PRO A 84 -33.21 11.87 2.23
C PRO A 84 -34.68 11.92 1.75
N LEU A 85 -35.49 12.77 2.38
CA LEU A 85 -36.88 12.91 1.94
C LEU A 85 -36.98 13.50 0.54
N GLU A 86 -35.90 14.04 0.00
CA GLU A 86 -35.92 14.46 -1.38
C GLU A 86 -35.85 13.27 -2.32
N ILE A 87 -35.17 12.18 -1.95
CA ILE A 87 -35.19 10.93 -2.77
C ILE A 87 -36.60 10.31 -2.85
N GLU A 88 -37.33 10.37 -1.73
CA GLU A 88 -38.67 9.83 -1.65
C GLU A 88 -39.64 10.71 -2.45
N GLY A 89 -39.32 12.01 -2.55
CA GLY A 89 -40.10 12.93 -3.38
C GLY A 89 -39.99 12.55 -4.85
N ILE A 90 -38.75 12.34 -5.29
CA ILE A 90 -38.45 11.86 -6.64
C ILE A 90 -39.20 10.57 -6.96
N LEU A 91 -39.12 9.58 -6.06
CA LEU A 91 -39.77 8.27 -6.31
C LEU A 91 -41.31 8.38 -6.35
N SER A 92 -41.87 9.28 -5.54
CA SER A 92 -43.32 9.56 -5.57
C SER A 92 -43.79 10.01 -6.96
N LYS A 93 -42.86 10.46 -7.81
CA LYS A 93 -43.21 11.01 -9.11
C LYS A 93 -42.83 10.17 -10.33
N THR A 94 -41.93 9.20 -10.18
CA THR A 94 -41.42 8.42 -11.32
C THR A 94 -41.91 6.98 -11.31
N ASP A 95 -42.32 6.51 -12.48
CA ASP A 95 -42.70 5.11 -12.63
C ASP A 95 -41.50 4.18 -12.91
N SER A 96 -40.35 4.71 -13.33
CA SER A 96 -39.36 3.91 -14.12
C SER A 96 -37.97 3.60 -13.55
N ILE A 97 -37.86 3.48 -12.24
CA ILE A 97 -36.55 3.19 -11.64
C ILE A 97 -36.06 1.79 -12.07
N HIS A 98 -34.74 1.58 -12.05
CA HIS A 98 -34.18 0.25 -12.40
C HIS A 98 -34.17 -0.67 -11.17
N ARG A 99 -33.91 -0.14 -9.98
CA ARG A 99 -33.76 -0.95 -8.76
C ARG A 99 -33.82 -0.06 -7.53
N LEU A 100 -34.41 -0.58 -6.47
CA LEU A 100 -34.67 0.17 -5.24
C LEU A 100 -33.85 -0.43 -4.13
N TYR A 101 -33.26 0.43 -3.32
CA TYR A 101 -32.48 0.03 -2.17
C TYR A 101 -32.99 0.78 -0.95
N LYS A 102 -32.49 0.41 0.21
CA LYS A 102 -32.63 1.23 1.41
C LYS A 102 -31.43 0.97 2.30
N GLY A 103 -30.91 2.04 2.90
CA GLY A 103 -29.83 1.90 3.87
C GLY A 103 -30.14 2.54 5.22
N GLN A 104 -29.07 2.85 5.94
CA GLN A 104 -29.14 3.64 7.19
C GLN A 104 -30.08 4.84 7.10
N ASN A 105 -29.76 5.81 6.25
CA ASN A 105 -30.48 7.10 6.27
C ASN A 105 -31.82 7.16 5.48
N GLY A 106 -31.95 6.35 4.43
CA GLY A 106 -33.21 6.31 3.69
C GLY A 106 -33.22 5.39 2.48
N TYR A 107 -34.17 5.61 1.60
CA TYR A 107 -34.21 4.88 0.35
C TYR A 107 -33.10 5.37 -0.62
N ALA A 108 -32.85 4.54 -1.60
CA ALA A 108 -31.89 4.87 -2.64
C ALA A 108 -32.38 4.15 -3.88
N PHE A 109 -31.94 4.58 -5.04
CA PHE A 109 -32.29 3.82 -6.24
C PHE A 109 -31.28 3.93 -7.34
N GLU A 110 -31.37 3.00 -8.27
CA GLU A 110 -30.70 3.06 -9.54
C GLU A 110 -31.70 3.24 -10.69
N ILE A 111 -31.25 3.95 -11.71
CA ILE A 111 -32.00 4.21 -12.91
C ILE A 111 -30.97 4.41 -14.06
N PHE A 112 -31.32 3.98 -15.28
CA PHE A 112 -30.54 4.24 -16.48
C PHE A 112 -30.97 5.56 -17.17
N SER A 113 -29.97 6.27 -17.64
CA SER A 113 -30.19 7.47 -18.39
C SER A 113 -30.44 7.08 -19.88
N PRO A 114 -30.93 8.03 -20.69
CA PRO A 114 -31.11 7.84 -22.13
C PRO A 114 -29.85 7.33 -22.86
N GLU A 115 -28.65 7.53 -22.30
CA GLU A 115 -27.42 7.02 -22.95
C GLU A 115 -26.87 5.76 -22.25
N ASP A 116 -27.73 5.23 -21.37
CA ASP A 116 -27.56 3.98 -20.61
C ASP A 116 -26.46 4.10 -19.57
N ASP A 117 -26.30 5.29 -19.05
CA ASP A 117 -25.44 5.51 -17.93
C ASP A 117 -26.24 5.11 -16.72
N LEU A 118 -25.65 4.30 -15.84
CA LEU A 118 -26.31 3.86 -14.60
C LEU A 118 -26.02 4.86 -13.51
N ILE A 119 -27.09 5.38 -12.90
CA ILE A 119 -27.01 6.42 -11.87
C ILE A 119 -27.56 5.84 -10.59
N LEU A 120 -26.80 6.01 -9.50
CA LEU A 120 -27.23 5.68 -8.17
C LEU A 120 -27.54 6.98 -7.46
N ILE A 121 -28.76 7.15 -6.96
CA ILE A 121 -29.10 8.28 -6.10
C ILE A 121 -29.36 7.77 -4.70
N HIS A 122 -28.63 8.30 -3.73
CA HIS A 122 -28.66 7.79 -2.40
C HIS A 122 -28.40 8.92 -1.43
N ALA A 123 -28.43 8.62 -0.14
CA ALA A 123 -28.29 9.64 0.89
C ALA A 123 -27.39 9.15 2.04
N GLU A 124 -26.51 8.17 1.76
CA GLU A 124 -25.80 7.41 2.80
C GLU A 124 -24.39 7.96 2.98
N ASP A 125 -23.86 7.85 4.21
CA ASP A 125 -22.45 8.18 4.46
C ASP A 125 -21.57 6.99 4.02
N ASP A 126 -22.21 5.87 3.70
CA ASP A 126 -21.52 4.73 3.16
C ASP A 126 -22.55 3.96 2.34
N ILE A 127 -22.41 4.03 1.02
CA ILE A 127 -23.33 3.33 0.12
C ILE A 127 -23.28 1.78 0.28
N ALA A 128 -22.33 1.27 1.06
CA ALA A 128 -22.23 -0.16 1.35
C ALA A 128 -23.29 -0.67 2.38
N SER A 129 -24.00 0.25 3.04
CA SER A 129 -25.17 -0.07 3.86
C SER A 129 -26.45 -0.29 3.03
N LEU A 130 -26.43 0.02 1.73
CA LEU A 130 -27.63 -0.18 0.92
C LEU A 130 -27.99 -1.66 0.77
N VAL A 131 -29.25 -1.98 1.07
CA VAL A 131 -29.89 -3.30 0.85
C VAL A 131 -31.05 -3.19 -0.16
N GLU A 132 -31.04 -4.04 -1.17
CA GLU A 132 -32.08 -4.00 -2.19
C GLU A 132 -33.48 -4.35 -1.65
N VAL A 133 -34.47 -3.45 -1.78
CA VAL A 133 -35.86 -3.84 -1.47
C VAL A 133 -36.55 -4.42 -2.74
N GLY A 134 -37.13 -5.61 -2.57
CA GLY A 134 -37.82 -6.31 -3.66
C GLY A 134 -39.16 -5.67 -4.02
N GLU A 135 -40.08 -5.67 -3.07
CA GLU A 135 -41.42 -5.15 -3.34
C GLU A 135 -41.44 -3.63 -3.17
N LYS A 136 -41.65 -2.93 -4.27
CA LYS A 136 -41.65 -1.45 -4.26
C LYS A 136 -42.79 -0.96 -3.37
N PRO A 137 -42.49 0.00 -2.45
CA PRO A 137 -43.58 0.66 -1.74
C PRO A 137 -44.14 1.84 -2.52
N GLU A 138 -45.20 2.43 -1.96
CA GLU A 138 -45.77 3.67 -2.45
C GLU A 138 -45.15 4.77 -1.60
N PHE A 139 -44.79 5.89 -2.25
CA PHE A 139 -44.10 6.99 -1.58
C PHE A 139 -44.96 8.26 -1.51
N GLN A 140 -45.09 8.81 -0.31
CA GLN A 140 -45.81 10.06 -0.09
C GLN A 140 -44.81 11.19 0.07
N THR A 141 -45.30 12.41 0.07
CA THR A 141 -44.42 13.58 0.10
C THR A 141 -45.18 14.82 0.56
N ASP A 142 -44.69 15.42 1.64
CA ASP A 142 -45.13 16.76 2.07
C ASP A 142 -44.26 17.87 1.45
N LEU A 143 -43.30 17.51 0.60
CA LEU A 143 -42.45 18.51 -0.08
C LEU A 143 -43.18 19.17 -1.27
N ALA A 144 -42.91 20.46 -1.49
CA ALA A 144 -43.58 21.26 -2.53
C ALA A 144 -42.80 21.31 -3.88
N SER A 145 -41.63 20.66 -3.92
CA SER A 145 -40.81 20.64 -5.14
C SER A 145 -39.93 19.39 -5.19
N ILE A 146 -39.82 18.74 -6.36
CA ILE A 146 -38.86 17.62 -6.48
C ILE A 146 -37.40 18.04 -6.53
N SER A 147 -37.16 19.32 -6.75
CA SER A 147 -35.81 19.80 -6.91
C SER A 147 -34.92 19.34 -5.76
N LEU A 148 -33.76 18.75 -6.11
CA LEU A 148 -32.73 18.38 -5.14
C LEU A 148 -32.10 19.67 -4.68
N SER A 149 -32.17 19.93 -3.38
CA SER A 149 -31.59 21.16 -2.82
C SER A 149 -30.06 21.15 -2.81
N LYS A 150 -29.46 20.07 -2.29
CA LYS A 150 -28.01 19.81 -2.29
C LYS A 150 -27.67 18.32 -2.59
N PHE A 151 -26.76 18.13 -3.53
CA PHE A 151 -26.16 16.83 -3.83
C PHE A 151 -24.67 17.00 -4.24
N GLU A 152 -23.97 15.85 -4.22
CA GLU A 152 -22.54 15.76 -4.48
C GLU A 152 -22.41 14.60 -5.46
N ILE A 153 -21.65 14.82 -6.53
CA ILE A 153 -21.38 13.81 -7.54
C ILE A 153 -20.11 13.09 -7.20
N SER A 154 -20.14 11.77 -7.30
CA SER A 154 -18.88 11.04 -7.42
C SER A 154 -19.10 10.02 -8.51
N GLU A 156 -17.89 5.84 -10.29
CA GLU A 156 -17.06 4.68 -10.48
C GLU A 156 -16.68 4.65 -11.95
N LEU A 157 -15.39 4.43 -12.26
CA LEU A 157 -14.90 4.43 -13.62
C LEU A 157 -14.32 3.10 -13.95
N HIS A 158 -14.63 2.57 -15.14
CA HIS A 158 -14.11 1.32 -15.62
C HIS A 158 -12.77 1.55 -16.32
N LEU A 159 -11.73 0.89 -15.82
CA LEU A 159 -10.35 1.10 -16.30
C LEU A 159 -9.69 -0.25 -16.65
N PRO A 160 -9.20 -0.39 -17.90
CA PRO A 160 -8.54 -1.67 -18.24
C PRO A 160 -7.32 -1.95 -17.35
N THR A 161 -6.91 -3.23 -17.26
CA THR A 161 -5.85 -3.59 -16.34
C THR A 161 -4.48 -3.21 -16.91
N ASP A 162 -4.40 -3.10 -18.24
CA ASP A 162 -3.12 -2.85 -18.93
C ASP A 162 -2.76 -1.37 -19.06
N ILE A 163 -3.66 -0.49 -18.67
CA ILE A 163 -3.33 0.93 -18.59
C ILE A 163 -3.49 1.49 -17.16
N GLU A 164 -2.78 2.57 -16.91
CA GLU A 164 -2.81 3.32 -15.68
C GLU A 164 -3.33 4.72 -15.97
N SER A 165 -4.17 5.23 -15.08
CA SER A 165 -4.62 6.59 -15.18
C SER A 165 -3.49 7.51 -14.70
N PHE A 166 -3.43 8.68 -15.33
CA PHE A 166 -2.68 9.81 -14.84
C PHE A 166 -3.21 10.30 -13.49
N LEU A 167 -4.47 9.98 -13.19
CA LEU A 167 -5.09 10.34 -11.91
C LEU A 167 -4.57 9.48 -10.73
N GLU A 168 -3.99 10.15 -9.74
CA GLU A 168 -3.48 9.47 -8.54
C GLU A 168 -4.60 9.37 -7.53
N SER A 169 -4.66 8.24 -6.83
CA SER A 169 -5.53 8.07 -5.64
C SER A 169 -5.35 9.17 -4.59
N SER A 170 -4.11 9.68 -4.51
CA SER A 170 -3.77 10.80 -3.63
C SER A 170 -4.67 11.99 -3.94
N GLU A 171 -4.76 12.32 -5.23
CA GLU A 171 -5.47 13.49 -5.74
C GLU A 171 -6.96 13.22 -5.74
N ILE A 172 -7.36 12.19 -6.50
CA ILE A 172 -8.78 11.93 -6.81
C ILE A 172 -9.65 11.45 -5.65
N GLY A 173 -9.05 11.23 -4.49
CA GLY A 173 -9.78 11.00 -3.27
C GLY A 173 -10.89 9.98 -3.43
N ALA A 174 -12.02 10.29 -2.80
CA ALA A 174 -13.22 9.45 -2.80
C ALA A 174 -14.21 9.75 -3.94
N SER A 175 -14.05 10.92 -4.59
CA SER A 175 -14.91 11.31 -5.73
C SER A 175 -14.82 10.32 -6.87
N LEU A 176 -13.70 9.58 -6.94
CA LEU A 176 -13.43 8.71 -8.08
C LEU A 176 -12.90 7.30 -7.71
N ASP A 177 -13.65 6.29 -8.10
CA ASP A 177 -13.34 4.90 -7.81
C ASP A 177 -13.05 4.17 -9.13
N PHE A 178 -11.87 3.56 -9.29
CA PHE A 178 -11.56 2.82 -10.53
C PHE A 178 -11.86 1.34 -10.38
N ILE A 179 -12.66 0.81 -11.28
CA ILE A 179 -12.96 -0.62 -11.30
C ILE A 179 -12.23 -1.26 -12.47
N PRO A 180 -11.43 -2.34 -12.21
CA PRO A 180 -10.80 -3.00 -13.34
C PRO A 180 -11.89 -3.60 -14.25
N ALA A 181 -11.65 -3.64 -15.57
CA ALA A 181 -12.69 -3.81 -16.57
C ALA A 181 -12.07 -4.13 -17.91
N GLN A 182 -12.78 -4.91 -18.73
CA GLN A 182 -12.42 -5.14 -20.12
C GLN A 182 -13.59 -4.74 -20.96
N GLY A 183 -13.26 -4.22 -22.13
CA GLY A 183 -14.22 -3.87 -23.16
C GLY A 183 -13.52 -3.06 -24.24
N GLN A 184 -14.03 -3.21 -25.48
CA GLN A 184 -13.45 -2.58 -26.66
C GLN A 184 -13.39 -1.05 -26.58
N ASP A 185 -14.41 -0.44 -25.98
CA ASP A 185 -14.56 1.03 -25.97
C ASP A 185 -14.03 1.76 -24.73
N LEU A 186 -13.33 1.05 -23.86
CA LEU A 186 -12.86 1.61 -22.59
C LEU A 186 -11.73 2.61 -22.75
N THR A 187 -11.07 2.59 -23.91
CA THR A 187 -10.05 3.61 -24.25
C THR A 187 -10.27 4.33 -25.60
N VAL A 188 -11.47 4.22 -26.16
CA VAL A 188 -11.80 4.81 -27.47
C VAL A 188 -11.68 6.37 -27.44
N ASP A 189 -11.22 6.96 -28.55
CA ASP A 189 -11.28 8.41 -28.66
C ASP A 189 -12.70 8.95 -28.30
N ASN A 190 -12.75 10.07 -27.58
CA ASN A 190 -13.98 10.51 -26.93
C ASN A 190 -15.06 11.05 -27.85
N THR A 191 -14.70 11.24 -29.12
CA THR A 191 -15.65 11.59 -30.16
C THR A 191 -16.40 10.35 -30.68
N VAL A 192 -15.93 9.14 -30.35
CA VAL A 192 -16.43 7.94 -31.03
C VAL A 192 -17.80 7.47 -30.48
N THR A 193 -17.98 7.62 -29.16
CA THR A 193 -19.09 7.00 -28.42
C THR A 193 -19.76 8.03 -27.52
N TRP A 194 -21.00 7.75 -27.10
CA TRP A 194 -21.66 8.52 -25.97
C TRP A 194 -21.22 8.00 -24.64
N ASP A 195 -20.34 8.70 -23.95
CA ASP A 195 -19.76 8.18 -22.68
C ASP A 195 -19.24 9.36 -21.91
N LEU A 196 -18.60 9.11 -20.77
CA LEU A 196 -17.76 10.10 -20.11
C LEU A 196 -16.59 10.57 -21.03
N SER A 197 -16.53 11.87 -21.31
CA SER A 197 -15.59 12.41 -22.25
C SER A 197 -14.61 13.40 -21.65
N LEU A 199 -13.28 15.00 -17.56
CA LEU A 199 -13.33 15.35 -16.13
C LEU A 199 -12.75 16.75 -15.99
N LYS A 200 -13.48 17.67 -15.36
CA LYS A 200 -12.93 18.98 -15.06
C LYS A 200 -12.55 19.09 -13.59
N PHE A 201 -11.33 19.54 -13.31
CA PHE A 201 -10.84 19.70 -11.97
C PHE A 201 -10.74 21.18 -11.63
N LEU A 202 -11.56 21.61 -10.67
CA LEU A 202 -11.42 22.93 -10.12
C LEU A 202 -10.45 22.85 -8.93
N VAL A 203 -9.46 23.74 -8.94
CA VAL A 203 -8.27 23.67 -8.07
C VAL A 203 -8.11 25.00 -7.36
N ASN A 204 -7.51 24.96 -6.17
CA ASN A 204 -7.20 26.12 -5.33
C ASN A 204 -6.38 27.22 -6.09
N GLU A 205 -5.24 26.80 -6.64
CA GLU A 205 -4.39 27.64 -7.47
C GLU A 205 -3.95 26.75 -8.61
N LEU A 206 -3.94 27.28 -9.82
CA LEU A 206 -3.51 26.51 -10.98
C LEU A 206 -1.96 26.58 -11.18
N ASP A 207 -1.27 25.44 -11.20
CA ASP A 207 0.15 25.47 -11.60
C ASP A 207 0.39 24.77 -12.93
N ILE A 208 0.62 25.55 -13.96
CA ILE A 208 0.79 25.00 -15.29
C ILE A 208 2.07 24.15 -15.40
N ALA A 209 3.11 24.55 -14.67
CA ALA A 209 4.41 23.88 -14.71
C ALA A 209 4.31 22.41 -14.26
N SER A 210 3.62 22.13 -13.14
CA SER A 210 3.51 20.76 -12.58
C SER A 210 2.75 19.94 -13.58
N LEU A 211 1.72 20.52 -14.18
CA LEU A 211 0.85 19.82 -15.12
C LEU A 211 1.54 19.44 -16.43
N ARG A 212 2.35 20.37 -16.94
CA ARG A 212 3.21 20.14 -18.11
C ARG A 212 4.17 18.97 -17.88
N GLN A 213 4.81 18.99 -16.73
CA GLN A 213 5.60 17.85 -16.26
C GLN A 213 4.86 16.53 -16.16
N LYS A 214 3.72 16.53 -15.48
CA LYS A 214 2.81 15.36 -15.40
C LYS A 214 2.44 14.70 -16.75
N PHE A 215 2.01 15.52 -17.69
CA PHE A 215 1.53 15.10 -19.02
C PHE A 215 2.54 15.21 -20.15
N GLU A 216 3.79 15.39 -19.78
CA GLU A 216 4.93 15.47 -20.70
C GLU A 216 4.95 14.35 -21.75
N SER A 217 4.52 13.15 -21.36
CA SER A 217 4.50 12.00 -22.27
C SER A 217 3.31 11.98 -23.26
N THR A 218 2.68 13.14 -23.48
CA THR A 218 1.34 13.19 -24.08
C THR A 218 0.97 14.58 -24.69
N GLU A 219 -0.13 14.57 -25.45
CA GLU A 219 -0.81 15.78 -25.91
C GLU A 219 -1.40 16.55 -24.72
N TYR A 220 -1.14 17.85 -24.71
CA TYR A 220 -1.84 18.75 -23.84
C TYR A 220 -2.07 20.09 -24.53
N PHE A 221 -2.88 20.94 -23.91
CA PHE A 221 -3.28 22.21 -24.49
C PHE A 221 -3.35 23.25 -23.37
N ILE A 222 -2.66 24.38 -23.62
CA ILE A 222 -2.79 25.61 -22.84
C ILE A 222 -3.27 26.72 -23.79
N PRO A 223 -4.45 27.33 -23.47
CA PRO A 223 -5.00 28.46 -24.25
C PRO A 223 -4.06 29.66 -24.13
N LYS A 224 -4.08 30.57 -25.09
CA LYS A 224 -3.35 31.85 -24.88
C LYS A 224 -3.62 32.57 -23.50
N SER A 225 -4.82 32.48 -22.96
CA SER A 225 -5.20 33.15 -21.66
C SER A 225 -4.48 32.58 -20.46
N GLU A 226 -4.01 31.32 -20.61
CA GLU A 226 -3.38 30.55 -19.55
C GLU A 226 -4.36 30.20 -18.42
N LYS A 227 -5.67 30.26 -18.70
CA LYS A 227 -6.72 30.10 -17.68
C LYS A 227 -7.01 28.68 -17.36
N PHE A 228 -6.54 27.77 -18.19
CA PHE A 228 -6.63 26.35 -17.87
C PHE A 228 -5.57 25.55 -18.58
N PHE A 229 -5.54 24.29 -18.19
CA PHE A 229 -4.68 23.28 -18.76
C PHE A 229 -5.58 22.12 -19.12
N LEU A 230 -5.53 21.72 -20.38
CA LEU A 230 -6.25 20.56 -20.86
C LEU A 230 -5.26 19.44 -21.25
N GLY A 231 -5.31 18.35 -20.47
CA GLY A 231 -4.58 17.13 -20.76
C GLY A 231 -5.53 16.02 -21.14
N LYS A 232 -4.97 14.86 -21.39
CA LYS A 232 -5.73 13.72 -21.88
C LYS A 232 -5.19 12.49 -21.17
N ASP A 233 -6.10 11.65 -20.72
CA ASP A 233 -5.74 10.48 -19.94
C ASP A 233 -5.52 9.34 -20.92
N ARG A 234 -4.85 8.31 -20.43
CA ARG A 234 -4.51 7.13 -21.22
C ARG A 234 -5.73 6.36 -21.78
N ASN A 235 -6.90 6.56 -21.17
CA ASN A 235 -8.14 6.07 -21.73
C ASN A 235 -8.88 7.08 -22.63
N ASN A 236 -8.22 8.19 -22.95
CA ASN A 236 -8.74 9.24 -23.81
C ASN A 236 -9.91 10.14 -23.29
N VAL A 237 -10.19 10.07 -22.00
CA VAL A 237 -10.95 11.11 -21.27
C VAL A 237 -10.04 12.36 -21.09
N GLU A 238 -10.53 13.48 -21.58
CA GLU A 238 -9.94 14.75 -21.33
C GLU A 238 -9.95 15.19 -19.88
N LEU A 239 -8.85 15.81 -19.45
CA LEU A 239 -8.65 16.21 -18.04
C LEU A 239 -8.37 17.68 -18.04
N TRP A 240 -9.36 18.46 -17.60
CA TRP A 240 -9.29 19.91 -17.65
C TRP A 240 -9.07 20.42 -16.23
N PHE A 241 -8.04 21.27 -16.06
CA PHE A 241 -7.76 21.93 -14.79
C PHE A 241 -7.86 23.47 -14.90
N GLU A 242 -8.59 24.08 -13.96
CA GLU A 242 -8.67 25.53 -13.84
C GLU A 242 -8.90 25.94 -12.36
N GLU A 243 -8.62 27.19 -12.04
CA GLU A 243 -9.02 27.71 -10.74
C GLU A 243 -10.52 27.88 -10.56
N VAL A 244 -10.91 27.69 -9.30
CA VAL A 244 -12.29 27.86 -8.82
C VAL A 244 -12.67 29.31 -8.54
N ASN B 5 46.57 -21.04 13.27
CA ASN B 5 45.43 -20.69 12.34
C ASN B 5 44.16 -21.42 12.79
N VAL B 6 43.68 -21.12 13.98
CA VAL B 6 42.55 -21.86 14.50
C VAL B 6 41.46 -20.88 14.86
N ASN B 7 40.28 -21.46 15.06
CA ASN B 7 39.12 -20.73 15.46
C ASN B 7 38.81 -19.57 14.50
N GLN B 8 39.11 -19.78 13.21
CA GLN B 8 38.81 -18.80 12.18
C GLN B 8 37.34 -18.95 11.79
N ILE B 9 36.62 -17.83 11.78
CA ILE B 9 35.18 -17.86 11.70
C ILE B 9 34.79 -18.11 10.25
N VAL B 10 33.94 -19.12 10.05
CA VAL B 10 33.37 -19.47 8.73
C VAL B 10 31.92 -18.93 8.57
N ARG B 11 31.07 -19.07 9.57
CA ARG B 11 29.72 -18.51 9.57
C ARG B 11 29.28 -18.15 11.00
N ILE B 12 28.43 -17.14 11.14
CA ILE B 12 27.80 -16.81 12.45
C ILE B 12 26.26 -16.99 12.35
N ILE B 13 25.69 -17.81 13.24
CA ILE B 13 24.27 -18.03 13.28
C ILE B 13 23.78 -17.46 14.61
N PRO B 14 22.95 -16.41 14.56
CA PRO B 14 22.29 -15.91 15.77
C PRO B 14 21.03 -16.70 16.20
N THR B 15 20.83 -16.82 17.50
CA THR B 15 19.57 -17.27 18.08
C THR B 15 18.81 -16.07 18.66
N LEU B 16 17.58 -15.91 18.19
CA LEU B 16 16.65 -14.93 18.69
C LEU B 16 15.52 -15.60 19.47
N LYS B 17 15.15 -15.03 20.60
CA LYS B 17 14.09 -15.62 21.41
C LYS B 17 12.71 -15.24 20.82
N ALA B 18 11.78 -16.20 20.93
CA ALA B 18 10.44 -16.08 20.44
C ALA B 18 9.46 -16.34 21.56
N ASN B 19 8.40 -15.55 21.62
CA ASN B 19 7.35 -15.76 22.59
C ASN B 19 6.36 -16.73 21.97
N ASN B 20 5.51 -16.23 21.06
CA ASN B 20 4.52 -17.05 20.43
C ASN B 20 5.12 -17.72 19.21
N ARG B 21 5.20 -19.04 19.24
CA ARG B 21 5.78 -19.83 18.16
C ARG B 21 5.15 -19.62 16.81
N LYS B 22 3.81 -19.58 16.77
CA LYS B 22 3.14 -19.51 15.50
C LYS B 22 3.27 -18.11 14.89
N LEU B 23 3.15 -17.04 15.69
CA LEU B 23 3.38 -15.69 15.15
C LEU B 23 4.77 -15.56 14.53
N ASN B 24 5.77 -16.03 15.24
CA ASN B 24 7.14 -16.06 14.71
C ASN B 24 7.33 -16.94 13.42
N GLU B 25 6.71 -18.12 13.39
CA GLU B 25 6.71 -18.96 12.19
C GLU B 25 6.04 -18.30 11.03
N THR B 26 4.88 -17.69 11.28
CA THR B 26 4.16 -17.00 10.21
C THR B 26 5.09 -15.94 9.64
N PHE B 27 5.72 -15.19 10.52
CA PHE B 27 6.62 -14.09 10.10
C PHE B 27 7.83 -14.53 9.29
N TYR B 28 8.63 -15.47 9.80
CA TYR B 28 9.92 -15.85 9.13
C TYR B 28 9.71 -16.71 7.92
N ILE B 29 8.74 -17.61 8.04
CA ILE B 29 8.48 -18.60 7.00
C ILE B 29 7.47 -18.08 6.01
N GLU B 30 6.30 -17.63 6.47
CA GLU B 30 5.29 -17.19 5.48
C GLU B 30 5.68 -15.81 4.93
N THR B 31 5.88 -14.84 5.81
CA THR B 31 6.08 -13.47 5.38
C THR B 31 7.42 -13.24 4.69
N LEU B 32 8.51 -13.72 5.28
CA LEU B 32 9.84 -13.42 4.75
C LEU B 32 10.40 -14.46 3.76
N GLY B 33 9.82 -15.66 3.71
CA GLY B 33 10.24 -16.68 2.77
C GLY B 33 11.42 -17.48 3.22
N LYS B 35 13.11 -20.86 4.99
CA LYS B 35 12.82 -22.31 4.99
C LYS B 35 13.00 -22.90 6.41
N ALA B 36 12.00 -23.65 6.91
CA ALA B 36 12.06 -24.30 8.20
C ALA B 36 12.87 -25.57 8.02
N LEU B 37 13.89 -25.77 8.82
CA LEU B 37 14.80 -26.85 8.58
C LEU B 37 14.73 -27.88 9.65
N LEU B 38 14.94 -27.47 10.88
CA LEU B 38 14.83 -28.38 11.98
C LEU B 38 14.09 -27.74 13.11
N GLU B 39 13.45 -28.54 13.93
CA GLU B 39 12.43 -27.99 14.76
C GLU B 39 12.03 -28.92 15.83
N GLU B 40 12.34 -28.52 17.05
CA GLU B 40 11.96 -29.20 18.25
C GLU B 40 11.19 -28.22 19.11
N SER B 41 10.61 -28.73 20.18
CA SER B 41 9.77 -27.91 21.06
C SER B 41 10.39 -26.55 21.27
N ALA B 42 11.70 -26.55 21.54
CA ALA B 42 12.40 -25.37 22.04
C ALA B 42 13.07 -24.51 20.95
N PHE B 43 13.20 -25.02 19.70
CA PHE B 43 14.07 -24.43 18.65
C PHE B 43 13.49 -24.65 17.28
N LEU B 44 13.47 -23.60 16.49
CA LEU B 44 13.19 -23.64 15.10
C LEU B 44 14.45 -23.14 14.34
N SER B 45 14.99 -24.01 13.52
CA SER B 45 16.15 -23.71 12.70
C SER B 45 15.68 -23.26 11.34
N LEU B 46 16.17 -22.12 10.91
CA LEU B 46 15.68 -21.38 9.72
C LEU B 46 16.87 -21.16 8.80
N GLY B 47 16.61 -21.40 7.51
CA GLY B 47 17.58 -21.30 6.46
C GLY B 47 16.95 -20.83 5.16
N ASP B 48 17.66 -21.07 4.07
CA ASP B 48 17.19 -20.75 2.72
C ASP B 48 17.03 -22.03 1.91
N GLN B 49 16.77 -21.93 0.61
CA GLN B 49 16.40 -23.11 -0.14
C GLN B 49 17.56 -24.07 -0.36
N THR B 50 18.77 -23.66 -0.03
CA THR B 50 19.94 -24.57 -0.03
C THR B 50 19.94 -25.56 1.16
N GLY B 51 19.23 -25.24 2.24
CA GLY B 51 19.21 -26.12 3.44
C GLY B 51 20.21 -25.75 4.53
N LEU B 52 20.98 -24.69 4.29
CA LEU B 52 21.97 -24.24 5.30
C LEU B 52 21.25 -23.41 6.33
N GLU B 53 21.51 -23.67 7.60
CA GLU B 53 20.93 -22.86 8.69
C GLU B 53 21.59 -21.48 8.77
N LYS B 54 20.74 -20.45 8.88
CA LYS B 54 21.16 -19.05 8.91
C LYS B 54 20.74 -18.34 10.22
N LEU B 55 19.70 -18.86 10.89
CA LEU B 55 19.04 -18.20 11.99
C LEU B 55 18.33 -19.30 12.79
N VAL B 56 18.31 -19.14 14.12
CA VAL B 56 17.58 -20.03 15.05
C VAL B 56 16.64 -19.20 15.90
N LEU B 57 15.40 -19.64 16.03
CA LEU B 57 14.46 -19.09 17.01
C LEU B 57 14.39 -20.02 18.16
N GLU B 58 14.63 -19.48 19.36
CA GLU B 58 14.41 -20.18 20.61
C GLU B 58 13.08 -19.81 21.25
N GLU B 59 12.15 -20.73 21.37
CA GLU B 59 10.87 -20.38 21.95
C GLU B 59 10.99 -20.39 23.49
N ALA B 60 10.52 -19.32 24.13
CA ALA B 60 10.74 -19.05 25.56
C ALA B 60 9.44 -18.46 26.15
N PRO B 61 8.93 -19.08 27.25
CA PRO B 61 7.53 -18.86 27.63
C PRO B 61 7.33 -17.61 28.45
N SER B 62 6.19 -16.95 28.26
CA SER B 62 5.95 -15.67 28.93
C SER B 62 5.94 -15.83 30.47
N ARG B 64 8.33 -16.94 32.15
CA ARG B 64 9.65 -16.58 32.68
C ARG B 64 10.45 -15.64 31.74
N THR B 65 9.73 -14.73 31.07
CA THR B 65 10.33 -13.82 30.10
C THR B 65 9.47 -12.54 29.96
N ARG B 66 10.11 -11.43 29.61
CA ARG B 66 9.42 -10.20 29.27
C ARG B 66 10.04 -9.56 28.03
N LYS B 67 9.33 -8.55 27.53
CA LYS B 67 9.78 -7.80 26.38
C LYS B 67 10.87 -6.81 26.86
N VAL B 68 11.75 -6.44 25.94
CA VAL B 68 12.82 -5.47 26.18
C VAL B 68 12.23 -4.07 26.36
N GLU B 69 12.76 -3.34 27.33
CA GLU B 69 12.49 -1.93 27.52
C GLU B 69 13.63 -1.11 26.88
N GLY B 70 13.30 -0.35 25.84
CA GLY B 70 14.29 0.43 25.11
C GLY B 70 14.97 -0.36 24.00
N ARG B 71 16.23 -0.02 23.73
CA ARG B 71 17.01 -0.68 22.68
C ARG B 71 17.32 -2.13 23.01
N LYS B 72 17.22 -2.95 21.98
CA LYS B 72 17.53 -4.35 22.05
C LYS B 72 18.99 -4.63 21.79
N LYS B 73 19.50 -5.73 22.36
CA LYS B 73 20.84 -6.21 22.01
C LYS B 73 21.00 -6.31 20.49
N LEU B 74 20.02 -6.88 19.82
CA LEU B 74 20.02 -6.90 18.36
C LEU B 74 19.47 -5.59 17.85
N ALA B 75 20.31 -4.78 17.21
CA ALA B 75 19.88 -3.51 16.63
C ALA B 75 19.12 -3.77 15.33
N ARG B 76 19.69 -4.63 14.47
CA ARG B 76 19.09 -4.89 13.20
C ARG B 76 19.65 -6.16 12.65
N LEU B 77 18.80 -6.99 12.05
CA LEU B 77 19.25 -8.23 11.35
C LEU B 77 19.14 -7.95 9.89
N ILE B 78 20.19 -8.31 9.15
CA ILE B 78 20.39 -7.85 7.80
C ILE B 78 20.39 -9.15 7.00
N VAL B 79 19.42 -9.27 6.09
CA VAL B 79 19.29 -10.41 5.22
C VAL B 79 19.69 -9.93 3.82
N LYS B 80 20.77 -10.49 3.26
CA LYS B 80 21.18 -10.16 1.90
C LYS B 80 20.78 -11.27 0.93
N VAL B 81 19.82 -10.92 0.08
CA VAL B 81 19.18 -11.82 -0.86
C VAL B 81 19.88 -11.69 -2.21
N GLU B 82 20.03 -12.79 -2.88
CA GLU B 82 20.73 -12.83 -4.14
C GLU B 82 19.84 -12.38 -5.32
N ASN B 83 18.52 -12.62 -5.22
CA ASN B 83 17.55 -12.22 -6.27
C ASN B 83 16.63 -11.05 -5.87
N PRO B 84 16.83 -9.84 -6.46
CA PRO B 84 16.00 -8.68 -6.06
C PRO B 84 14.48 -8.92 -6.22
N LEU B 85 14.09 -9.69 -7.23
CA LEU B 85 12.68 -9.96 -7.53
C LEU B 85 11.99 -10.72 -6.42
N GLU B 86 12.77 -11.37 -5.56
CA GLU B 86 12.23 -12.10 -4.42
C GLU B 86 11.76 -11.16 -3.31
N ILE B 87 12.49 -10.05 -3.12
CA ILE B 87 12.11 -8.94 -2.21
C ILE B 87 10.82 -8.29 -2.66
N GLU B 88 10.73 -7.99 -3.96
CA GLU B 88 9.51 -7.48 -4.55
C GLU B 88 8.35 -8.42 -4.31
N GLY B 89 8.60 -9.71 -4.48
CA GLY B 89 7.62 -10.73 -4.17
C GLY B 89 7.05 -10.62 -2.77
N ILE B 90 7.91 -10.42 -1.78
CA ILE B 90 7.46 -10.22 -0.40
C ILE B 90 6.77 -8.89 -0.24
N LEU B 91 7.35 -7.84 -0.79
CA LEU B 91 6.74 -6.54 -0.73
C LEU B 91 5.29 -6.59 -1.19
N SER B 92 5.07 -7.14 -2.38
CA SER B 92 3.72 -7.35 -2.92
C SER B 92 2.73 -8.08 -2.03
N LYS B 93 3.20 -8.98 -1.17
CA LYS B 93 2.34 -9.74 -0.27
C LYS B 93 2.12 -9.06 1.09
N THR B 94 3.12 -8.31 1.60
CA THR B 94 3.04 -7.64 2.93
C THR B 94 2.76 -6.17 2.82
N ASP B 95 1.66 -5.74 3.42
CA ASP B 95 1.35 -4.30 3.49
C ASP B 95 2.28 -3.53 4.43
N SER B 96 2.35 -3.96 5.69
CA SER B 96 2.96 -3.12 6.73
C SER B 96 4.43 -3.42 6.93
N ILE B 97 5.24 -2.60 6.26
CA ILE B 97 6.70 -2.54 6.43
C ILE B 97 7.08 -1.25 7.17
N HIS B 98 8.29 -1.21 7.75
CA HIS B 98 8.74 -0.09 8.59
C HIS B 98 9.43 1.05 7.81
N ARG B 99 10.16 0.67 6.79
CA ARG B 99 10.89 1.62 5.96
C ARG B 99 11.20 0.97 4.64
N LEU B 100 11.28 1.79 3.60
CA LEU B 100 11.46 1.33 2.24
C LEU B 100 12.68 2.05 1.66
N TYR B 101 13.52 1.29 0.97
CA TYR B 101 14.72 1.81 0.34
C TYR B 101 14.75 1.37 -1.08
N LYS B 102 15.58 2.04 -1.84
CA LYS B 102 15.97 1.59 -3.17
C LYS B 102 17.48 1.74 -3.26
N GLY B 103 18.11 0.81 -3.97
CA GLY B 103 19.56 0.83 -4.19
C GLY B 103 19.83 0.55 -5.67
N GLN B 104 21.05 0.13 -6.02
CA GLN B 104 21.34 -0.06 -7.44
C GLN B 104 20.92 -1.42 -7.99
N ASN B 105 20.68 -2.41 -7.13
CA ASN B 105 20.16 -3.69 -7.60
C ASN B 105 18.65 -3.77 -7.47
N GLY B 106 18.09 -2.98 -6.55
CA GLY B 106 16.64 -2.84 -6.46
C GLY B 106 16.22 -2.35 -5.10
N TYR B 107 14.95 -2.57 -4.79
CA TYR B 107 14.32 -2.17 -3.53
C TYR B 107 14.78 -2.97 -2.35
N ALA B 108 14.65 -2.39 -1.16
CA ALA B 108 14.91 -3.06 0.10
C ALA B 108 13.90 -2.54 1.15
N PHE B 109 13.79 -3.22 2.26
CA PHE B 109 12.90 -2.71 3.30
C PHE B 109 13.23 -3.25 4.66
N GLU B 110 12.74 -2.51 5.66
CA GLU B 110 12.76 -2.91 7.06
C GLU B 110 11.34 -3.29 7.54
N ILE B 111 11.30 -4.27 8.43
CA ILE B 111 10.07 -4.84 8.93
C ILE B 111 10.40 -5.40 10.31
N PHE B 112 9.55 -5.12 11.27
CA PHE B 112 9.61 -5.73 12.61
C PHE B 112 8.96 -7.11 12.73
N SER B 113 9.67 -7.99 13.43
CA SER B 113 9.18 -9.29 13.84
C SER B 113 8.23 -9.07 15.01
N PRO B 114 7.49 -10.12 15.38
CA PRO B 114 6.60 -10.06 16.54
C PRO B 114 7.32 -9.76 17.89
N GLU B 115 8.64 -9.99 17.98
CA GLU B 115 9.42 -9.58 19.16
C GLU B 115 10.13 -8.27 18.95
N ASP B 116 9.69 -7.51 17.94
CA ASP B 116 10.23 -6.21 17.60
C ASP B 116 11.71 -6.20 17.23
N ASP B 117 12.17 -7.33 16.70
CA ASP B 117 13.45 -7.39 16.01
C ASP B 117 13.28 -6.78 14.61
N LEU B 118 14.06 -5.74 14.33
CA LEU B 118 14.06 -5.05 13.06
C LEU B 118 14.87 -5.83 12.05
N ILE B 119 14.25 -6.24 10.95
CA ILE B 119 14.94 -7.01 9.90
C ILE B 119 15.01 -6.07 8.69
N LEU B 120 16.22 -5.90 8.13
CA LEU B 120 16.43 -5.29 6.83
C LEU B 120 16.59 -6.39 5.79
N ILE B 121 15.75 -6.36 4.75
CA ILE B 121 15.93 -7.29 3.62
C ILE B 121 16.37 -6.50 2.39
N HIS B 122 17.56 -6.79 1.88
CA HIS B 122 18.04 -6.16 0.67
C HIS B 122 18.74 -7.18 -0.23
N ALA B 123 19.15 -6.70 -1.39
CA ALA B 123 19.75 -7.48 -2.45
C ALA B 123 20.90 -6.70 -3.02
N GLU B 124 21.51 -5.84 -2.20
CA GLU B 124 22.69 -5.03 -2.60
C GLU B 124 24.03 -5.61 -2.20
N ASP B 125 25.06 -5.25 -2.97
CA ASP B 125 26.45 -5.52 -2.66
C ASP B 125 26.96 -4.72 -1.48
N ASP B 126 26.59 -3.44 -1.41
CA ASP B 126 26.82 -2.62 -0.20
C ASP B 126 25.54 -1.96 0.21
N ILE B 127 25.14 -2.15 1.46
CA ILE B 127 23.95 -1.53 1.92
C ILE B 127 24.11 0.03 2.00
N ALA B 128 25.32 0.56 1.80
CA ALA B 128 25.56 1.98 1.81
C ALA B 128 25.16 2.62 0.47
N SER B 129 24.63 1.83 -0.45
CA SER B 129 23.95 2.37 -1.65
C SER B 129 22.47 2.69 -1.42
N LEU B 130 21.88 2.16 -0.35
CA LEU B 130 20.44 2.25 -0.13
C LEU B 130 19.98 3.69 0.25
N VAL B 131 19.05 4.24 -0.54
CA VAL B 131 18.43 5.55 -0.24
C VAL B 131 17.00 5.27 0.24
N GLU B 132 16.63 5.87 1.37
CA GLU B 132 15.26 5.70 1.81
C GLU B 132 14.30 6.49 0.90
N VAL B 133 13.19 5.85 0.59
CA VAL B 133 12.18 6.43 -0.28
C VAL B 133 10.90 6.73 0.54
N GLY B 134 10.26 7.82 0.15
CA GLY B 134 9.06 8.28 0.82
C GLY B 134 7.77 7.89 0.13
N GLU B 135 7.80 7.61 -1.16
CA GLU B 135 6.58 7.16 -1.81
C GLU B 135 6.64 5.67 -2.00
N LYS B 136 5.47 5.07 -1.95
CA LYS B 136 5.26 3.66 -1.65
C LYS B 136 4.71 2.98 -2.89
N PRO B 137 5.56 2.28 -3.66
CA PRO B 137 5.01 1.63 -4.86
C PRO B 137 4.07 0.45 -4.56
N GLU B 138 3.44 -0.05 -5.60
CA GLU B 138 2.69 -1.31 -5.53
C GLU B 138 3.45 -2.35 -6.32
N PHE B 139 3.56 -3.54 -5.77
CA PHE B 139 4.39 -4.58 -6.33
C PHE B 139 3.55 -5.75 -6.82
N GLN B 140 4.13 -6.52 -7.75
CA GLN B 140 3.46 -7.65 -8.42
C GLN B 140 2.49 -8.46 -7.55
N SER B 145 4.60 -17.83 -4.55
CA SER B 145 5.28 -18.20 -3.31
C SER B 145 6.32 -17.17 -2.94
N ILE B 146 6.48 -16.93 -1.63
CA ILE B 146 7.39 -15.92 -1.10
C ILE B 146 8.85 -16.43 -0.91
N SER B 147 9.12 -17.71 -1.18
CA SER B 147 10.41 -18.32 -0.78
C SER B 147 11.74 -17.71 -1.25
N LEU B 148 12.52 -17.17 -0.30
CA LEU B 148 13.90 -16.69 -0.56
C LEU B 148 14.86 -17.86 -0.85
N SER B 149 15.48 -17.85 -2.02
CA SER B 149 16.16 -19.05 -2.46
C SER B 149 17.62 -19.09 -1.97
N LYS B 150 18.28 -17.95 -1.94
CA LYS B 150 19.63 -17.80 -1.38
C LYS B 150 19.76 -16.45 -0.60
N PHE B 151 20.10 -16.48 0.67
CA PHE B 151 20.37 -15.24 1.35
C PHE B 151 21.48 -15.43 2.37
N GLU B 152 22.03 -14.32 2.84
CA GLU B 152 23.08 -14.28 3.89
C GLU B 152 22.66 -13.40 5.03
N ILE B 153 22.94 -13.83 6.25
CA ILE B 153 22.58 -13.06 7.44
C ILE B 153 23.81 -12.35 7.99
N SER B 154 23.60 -11.11 8.40
CA SER B 154 24.59 -10.39 9.20
C SER B 154 23.79 -9.52 10.12
N GLU B 156 23.68 -5.94 13.15
CA GLU B 156 24.22 -4.84 13.92
C GLU B 156 23.81 -5.09 15.38
N LEU B 157 24.77 -5.09 16.34
CA LEU B 157 24.42 -5.27 17.75
C LEU B 157 24.57 -3.97 18.52
N HIS B 158 23.69 -3.68 19.46
CA HIS B 158 23.82 -2.47 20.29
C HIS B 158 24.66 -2.78 21.50
N LEU B 159 25.68 -1.99 21.77
CA LEU B 159 26.58 -2.28 22.88
C LEU B 159 26.80 -1.05 23.73
N PRO B 160 26.53 -1.12 25.05
CA PRO B 160 26.86 0.10 25.80
C PRO B 160 28.35 0.44 25.74
N THR B 161 28.61 1.73 25.86
CA THR B 161 29.96 2.29 25.67
C THR B 161 30.94 1.85 26.74
N ASP B 162 30.41 1.36 27.85
CA ASP B 162 31.21 1.04 29.01
C ASP B 162 31.48 -0.45 29.17
N ILE B 163 31.13 -1.24 28.15
CA ILE B 163 31.50 -2.64 28.15
C ILE B 163 32.07 -2.97 26.77
N GLU B 164 33.13 -3.77 26.77
CA GLU B 164 33.68 -4.33 25.53
C GLU B 164 33.15 -5.72 25.37
N SER B 165 32.95 -6.13 24.13
CA SER B 165 32.65 -7.51 23.80
C SER B 165 33.98 -8.23 23.82
N PHE B 166 33.90 -9.54 24.08
CA PHE B 166 34.99 -10.51 23.80
C PHE B 166 35.29 -10.70 22.32
N LEU B 167 34.36 -10.31 21.48
CA LEU B 167 34.42 -10.50 20.04
C LEU B 167 35.20 -9.39 19.37
N GLU B 168 36.34 -9.77 18.80
CA GLU B 168 37.28 -8.79 18.22
C GLU B 168 36.84 -8.51 16.80
N SER B 169 36.88 -7.23 16.40
CA SER B 169 36.55 -6.84 15.02
C SER B 169 37.29 -7.65 13.92
N SER B 170 38.51 -8.08 14.19
CA SER B 170 39.18 -8.96 13.25
C SER B 170 38.38 -10.26 13.09
N GLU B 171 37.88 -10.80 14.19
CA GLU B 171 37.22 -12.11 14.17
C GLU B 171 35.81 -12.05 13.59
N ILE B 172 35.07 -10.97 13.87
CA ILE B 172 33.65 -10.89 13.59
C ILE B 172 33.29 -10.10 12.33
N GLY B 173 34.25 -9.33 11.84
CA GLY B 173 34.31 -8.95 10.44
C GLY B 173 33.15 -8.15 9.90
N ALA B 174 32.79 -8.45 8.65
CA ALA B 174 31.63 -7.89 7.97
C ALA B 174 30.33 -8.33 8.62
N SER B 175 30.33 -9.55 9.17
CA SER B 175 29.10 -10.18 9.68
C SER B 175 28.49 -9.49 10.92
N LEU B 176 29.32 -8.75 11.62
CA LEU B 176 28.89 -8.14 12.83
C LEU B 176 29.43 -6.76 13.09
N ASP B 177 28.50 -5.82 13.26
N ASP B 177 28.52 -5.79 13.22
CA ASP B 177 28.82 -4.40 13.47
CA ASP B 177 28.93 -4.42 13.52
C ASP B 177 28.31 -4.05 14.88
C ASP B 177 28.31 -3.97 14.83
N PHE B 178 29.12 -3.39 15.69
CA PHE B 178 28.66 -2.99 17.02
C PHE B 178 28.26 -1.54 16.99
N ILE B 179 27.11 -1.22 17.58
CA ILE B 179 26.60 0.13 17.57
C ILE B 179 26.48 0.71 18.98
N PRO B 180 27.32 1.68 19.31
CA PRO B 180 27.19 2.18 20.68
C PRO B 180 25.75 2.69 21.01
N ALA B 181 25.23 2.31 22.18
CA ALA B 181 23.88 2.64 22.56
C ALA B 181 23.73 2.49 24.06
N GLN B 182 22.83 3.27 24.64
CA GLN B 182 22.44 3.12 26.02
C GLN B 182 21.11 2.34 26.11
N GLY B 183 21.01 1.50 27.15
CA GLY B 183 19.81 0.70 27.39
C GLY B 183 19.94 -0.20 28.58
N GLN B 184 18.90 -0.26 29.40
CA GLN B 184 18.82 -1.16 30.56
C GLN B 184 18.99 -2.65 30.16
N ASP B 185 18.27 -3.05 29.13
CA ASP B 185 18.23 -4.45 28.79
C ASP B 185 19.39 -4.86 27.87
N LEU B 186 20.41 -4.03 27.70
CA LEU B 186 21.49 -4.32 26.76
C LEU B 186 22.58 -5.28 27.30
N THR B 187 22.64 -5.45 28.61
CA THR B 187 23.50 -6.45 29.21
C THR B 187 22.74 -7.36 30.20
N VAL B 188 21.41 -7.35 30.13
CA VAL B 188 20.57 -8.21 30.95
C VAL B 188 20.89 -9.70 30.74
N ASP B 189 20.73 -10.51 31.80
CA ASP B 189 20.90 -11.94 31.63
C ASP B 189 19.95 -12.38 30.54
N ASN B 190 20.37 -13.34 29.72
CA ASN B 190 19.63 -13.66 28.51
C ASN B 190 18.38 -14.42 28.75
N THR B 191 18.15 -14.86 29.99
CA THR B 191 16.89 -15.50 30.38
C THR B 191 15.77 -14.50 30.61
N VAL B 192 16.08 -13.23 30.71
CA VAL B 192 15.09 -12.24 31.16
C VAL B 192 14.17 -11.79 30.05
N THR B 193 14.74 -11.47 28.90
CA THR B 193 14.04 -10.80 27.80
C THR B 193 13.92 -11.71 26.56
N TRP B 194 13.00 -11.33 25.65
CA TRP B 194 13.00 -11.89 24.30
C TRP B 194 13.91 -11.02 23.48
N ASP B 195 15.12 -11.54 23.26
CA ASP B 195 16.15 -10.81 22.50
C ASP B 195 17.13 -11.84 21.93
N LEU B 196 18.24 -11.35 21.39
CA LEU B 196 19.40 -12.15 20.97
C LEU B 196 19.99 -12.77 22.19
N SER B 197 20.03 -14.10 22.21
CA SER B 197 20.51 -14.81 23.38
C SER B 197 21.80 -15.60 23.17
N LEU B 199 25.08 -16.45 20.00
CA LEU B 199 25.77 -16.39 18.70
C LEU B 199 26.58 -17.69 18.54
N LYS B 200 26.36 -18.40 17.45
CA LYS B 200 27.07 -19.66 17.16
C LYS B 200 28.11 -19.38 16.06
N PHE B 201 29.36 -19.75 16.33
CA PHE B 201 30.48 -19.50 15.43
C PHE B 201 30.93 -20.85 14.90
N LEU B 202 30.78 -21.05 13.60
CA LEU B 202 31.32 -22.23 12.95
C LEU B 202 32.70 -21.84 12.47
N VAL B 203 33.71 -22.62 12.85
CA VAL B 203 35.14 -22.25 12.74
C VAL B 203 35.90 -23.32 11.95
N ASN B 204 37.02 -22.92 11.35
CA ASN B 204 37.76 -23.81 10.48
C ASN B 204 38.28 -25.05 11.21
N GLU B 205 38.69 -24.82 12.45
CA GLU B 205 39.27 -25.82 13.29
C GLU B 205 39.09 -25.36 14.72
N LEU B 206 38.42 -26.17 15.53
CA LEU B 206 38.17 -25.79 16.88
C LEU B 206 39.39 -26.09 17.71
N ASP B 207 39.84 -25.03 18.43
CA ASP B 207 40.92 -25.18 19.39
C ASP B 207 40.49 -24.71 20.75
N ILE B 208 40.13 -25.67 21.58
CA ILE B 208 39.69 -25.40 22.96
C ILE B 208 40.75 -24.70 23.80
N ALA B 209 42.01 -25.11 23.65
CA ALA B 209 43.08 -24.55 24.45
C ALA B 209 43.17 -23.04 24.21
N SER B 210 43.02 -22.62 22.96
CA SER B 210 42.99 -21.19 22.60
C SER B 210 41.78 -20.45 23.13
N LEU B 211 40.61 -21.10 23.18
CA LEU B 211 39.42 -20.38 23.62
C LEU B 211 39.41 -20.21 25.11
N ARG B 212 39.97 -21.18 25.83
CA ARG B 212 40.06 -21.07 27.30
C ARG B 212 40.85 -19.82 27.70
N GLN B 213 41.96 -19.61 26.98
CA GLN B 213 42.82 -18.45 27.15
C GLN B 213 42.07 -17.19 26.89
N LYS B 214 41.20 -17.22 25.91
CA LYS B 214 40.40 -16.05 25.51
C LYS B 214 39.34 -15.64 26.53
N PHE B 215 38.69 -16.66 27.13
CA PHE B 215 37.48 -16.50 27.95
C PHE B 215 37.73 -16.80 29.42
N GLU B 216 39.01 -16.94 29.76
CA GLU B 216 39.48 -17.22 31.08
C GLU B 216 38.85 -16.31 32.15
N SER B 217 38.61 -15.04 31.77
CA SER B 217 38.02 -14.04 32.70
C SER B 217 36.48 -14.03 32.80
N THR B 218 35.84 -15.04 32.23
CA THR B 218 34.38 -15.10 32.13
C THR B 218 33.91 -16.53 32.48
N GLU B 219 32.59 -16.74 32.47
CA GLU B 219 32.01 -18.09 32.58
C GLU B 219 32.23 -18.87 31.25
N TYR B 220 32.56 -20.15 31.38
CA TYR B 220 32.65 -20.96 30.19
C TYR B 220 32.53 -22.41 30.50
N PHE B 221 31.95 -23.12 29.54
CA PHE B 221 31.69 -24.54 29.60
C PHE B 221 32.31 -25.24 28.35
N ILE B 222 33.02 -26.34 28.65
CA ILE B 222 33.53 -27.30 27.67
C ILE B 222 32.97 -28.67 28.02
N PRO B 223 32.26 -29.28 27.07
CA PRO B 223 31.65 -30.52 27.36
C PRO B 223 32.71 -31.63 27.34
N LYS B 224 32.40 -32.80 27.89
CA LYS B 224 33.36 -33.91 27.91
C LYS B 224 34.01 -34.20 26.51
N SER B 225 33.18 -34.21 25.47
CA SER B 225 33.56 -34.49 24.09
C SER B 225 34.43 -33.44 23.47
N GLU B 226 34.44 -32.25 24.07
CA GLU B 226 35.10 -31.07 23.53
C GLU B 226 34.63 -30.73 22.12
N LYS B 227 33.40 -31.10 21.80
CA LYS B 227 32.91 -30.84 20.43
C LYS B 227 32.42 -29.39 20.24
N PHE B 228 32.35 -28.60 21.31
CA PHE B 228 31.97 -27.21 21.23
C PHE B 228 32.61 -26.48 22.44
N PHE B 229 32.59 -25.14 22.40
CA PHE B 229 33.06 -24.32 23.51
C PHE B 229 31.92 -23.26 23.72
N LEU B 230 31.43 -23.18 24.96
CA LEU B 230 30.42 -22.23 25.33
C LEU B 230 30.96 -21.23 26.31
N GLY B 231 30.95 -19.96 25.88
CA GLY B 231 31.31 -18.84 26.71
C GLY B 231 30.23 -17.76 26.81
N LYS B 232 30.41 -16.82 27.70
CA LYS B 232 29.39 -15.78 27.91
C LYS B 232 30.03 -14.42 27.63
N ASP B 233 29.42 -13.67 26.75
CA ASP B 233 29.91 -12.33 26.47
C ASP B 233 29.59 -11.41 27.64
N ARG B 234 30.21 -10.22 27.64
CA ARG B 234 30.07 -9.24 28.72
C ARG B 234 28.67 -8.61 28.76
N ASN B 235 27.92 -8.74 27.68
CA ASN B 235 26.47 -8.38 27.65
C ASN B 235 25.52 -9.55 27.90
N ASN B 236 26.06 -10.65 28.38
CA ASN B 236 25.33 -11.88 28.67
C ASN B 236 24.71 -12.62 27.52
N VAL B 237 25.18 -12.37 26.28
CA VAL B 237 24.86 -13.23 25.12
C VAL B 237 25.82 -14.43 25.16
N GLU B 238 25.28 -15.64 24.96
CA GLU B 238 26.09 -16.84 24.89
C GLU B 238 26.79 -16.98 23.55
N LEU B 239 28.06 -17.35 23.63
CA LEU B 239 28.95 -17.50 22.46
C LEU B 239 29.36 -18.95 22.34
N TRP B 240 28.94 -19.61 21.27
CA TRP B 240 29.11 -21.05 21.07
C TRP B 240 30.02 -21.29 19.88
N PHE B 241 31.20 -21.86 20.13
CA PHE B 241 32.12 -22.22 19.07
C PHE B 241 32.08 -23.72 18.79
N GLU B 242 32.16 -24.05 17.52
CA GLU B 242 31.99 -25.40 17.07
C GLU B 242 32.69 -25.45 15.74
N GLU B 243 33.32 -26.56 15.41
CA GLU B 243 33.91 -26.77 14.07
C GLU B 243 32.87 -27.02 12.98
N VAL B 244 33.19 -26.53 11.78
CA VAL B 244 32.35 -26.75 10.59
C VAL B 244 32.17 -28.25 10.29
N ASN C 7 39.47 33.67 8.23
CA ASN C 7 38.83 32.44 7.65
C ASN C 7 38.17 31.58 8.74
N GLN C 8 37.75 32.14 9.88
CA GLN C 8 36.98 31.34 10.86
C GLN C 8 35.46 31.41 10.60
N ILE C 9 34.83 30.23 10.61
CA ILE C 9 33.52 29.99 10.00
C ILE C 9 32.34 30.34 10.93
N VAL C 10 31.57 31.36 10.53
CA VAL C 10 30.38 31.80 11.25
C VAL C 10 29.10 31.03 10.91
N ARG C 11 28.93 30.64 9.65
CA ARG C 11 27.77 29.89 9.22
C ARG C 11 28.06 29.19 7.89
N ILE C 12 27.46 28.00 7.71
CA ILE C 12 27.49 27.25 6.45
C ILE C 12 26.04 27.18 6.03
N ILE C 13 25.83 27.67 4.79
CA ILE C 13 24.54 27.84 4.14
C ILE C 13 24.55 27.02 2.88
N PRO C 14 23.76 25.92 2.88
CA PRO C 14 23.64 25.10 1.65
C PRO C 14 22.65 25.68 0.60
N THR C 15 22.98 25.39 -0.66
CA THR C 15 22.12 25.62 -1.84
C THR C 15 21.69 24.25 -2.31
N LEU C 16 20.38 24.03 -2.19
CA LEU C 16 19.65 22.92 -2.82
C LEU C 16 19.02 23.36 -4.11
N LYS C 17 19.27 22.63 -5.16
CA LYS C 17 18.58 22.88 -6.43
C LYS C 17 17.13 22.36 -6.38
N ALA C 18 16.21 23.12 -7.00
CA ALA C 18 14.79 22.87 -7.04
C ALA C 18 14.34 22.98 -8.47
N ASN C 19 13.22 22.32 -8.76
CA ASN C 19 12.63 22.39 -10.08
C ASN C 19 11.45 23.37 -10.07
N ASN C 20 10.40 23.00 -9.33
CA ASN C 20 9.22 23.79 -9.24
C ASN C 20 9.31 24.62 -8.00
N ARG C 21 9.64 25.89 -8.16
CA ARG C 21 9.74 26.77 -7.03
C ARG C 21 8.48 27.02 -6.21
N LYS C 22 7.30 27.12 -6.85
CA LYS C 22 6.05 27.21 -6.11
C LYS C 22 5.86 26.02 -5.16
N LEU C 23 6.12 24.79 -5.62
CA LEU C 23 5.99 23.61 -4.73
C LEU C 23 6.99 23.65 -3.62
N ASN C 24 8.26 23.93 -3.93
CA ASN C 24 9.24 24.12 -2.88
C ASN C 24 8.94 25.25 -1.86
N GLU C 25 8.34 26.33 -2.28
CA GLU C 25 7.96 27.41 -1.37
C GLU C 25 6.83 26.94 -0.45
N THR C 26 5.89 26.21 -1.03
CA THR C 26 4.83 25.63 -0.25
C THR C 26 5.38 24.77 0.89
N PHE C 27 6.41 24.00 0.57
CA PHE C 27 7.12 23.15 1.53
C PHE C 27 7.88 23.94 2.60
N TYR C 28 8.91 24.67 2.16
CA TYR C 28 9.81 25.26 3.10
C TYR C 28 9.15 26.42 3.84
N ILE C 29 8.25 27.14 3.19
CA ILE C 29 7.64 28.30 3.84
C ILE C 29 6.31 27.97 4.48
N GLU C 30 5.36 27.51 3.67
CA GLU C 30 4.00 27.28 4.14
C GLU C 30 3.83 26.03 4.97
N THR C 31 4.65 24.99 4.75
CA THR C 31 4.59 23.83 5.60
C THR C 31 5.58 23.94 6.80
N LEU C 32 6.86 24.20 6.53
CA LEU C 32 7.87 24.11 7.55
C LEU C 32 8.10 25.44 8.29
N GLY C 33 7.56 26.56 7.80
CA GLY C 33 7.64 27.79 8.58
C GLY C 33 8.89 28.66 8.39
N LYS C 35 11.08 31.66 6.28
CA LYS C 35 10.77 33.02 5.83
C LYS C 35 11.59 33.29 4.60
N ALA C 36 10.94 33.80 3.54
CA ALA C 36 11.64 34.20 2.33
C ALA C 36 12.28 35.55 2.58
N LEU C 37 13.57 35.64 2.32
CA LEU C 37 14.26 36.93 2.43
C LEU C 37 14.29 37.48 1.01
N LEU C 38 15.30 38.16 0.56
CA LEU C 38 15.24 38.56 -0.88
C LEU C 38 15.47 37.39 -1.90
N GLU C 39 15.15 37.70 -3.15
CA GLU C 39 15.37 36.79 -4.26
C GLU C 39 16.13 37.51 -5.31
N GLU C 40 17.43 37.35 -5.33
CA GLU C 40 18.23 37.84 -6.42
C GLU C 40 18.27 36.63 -7.28
N SER C 41 17.19 36.43 -8.00
CA SER C 41 16.84 35.14 -8.49
C SER C 41 17.65 34.76 -9.68
N ALA C 42 17.53 33.52 -10.05
CA ALA C 42 16.56 32.61 -9.46
C ALA C 42 17.17 31.75 -8.32
N PHE C 43 17.64 32.49 -7.27
CA PHE C 43 17.96 32.03 -5.91
C PHE C 43 16.90 32.57 -4.97
N LEU C 44 16.30 31.65 -4.24
CA LEU C 44 15.41 31.95 -3.15
C LEU C 44 16.26 31.87 -1.88
N SER C 45 16.31 32.99 -1.15
CA SER C 45 16.99 33.04 0.12
C SER C 45 15.97 32.84 1.30
N LEU C 46 16.23 31.84 2.17
CA LEU C 46 15.32 31.37 3.23
C LEU C 46 16.02 31.43 4.57
N GLY C 47 15.25 31.84 5.57
CA GLY C 47 15.77 31.90 6.92
C GLY C 47 14.64 31.87 7.92
N ASP C 48 14.82 32.61 9.00
CA ASP C 48 13.92 32.58 10.16
C ASP C 48 13.65 34.02 10.53
N GLN C 49 13.03 34.28 11.69
CA GLN C 49 12.63 35.65 12.10
C GLN C 49 13.82 36.52 12.52
N THR C 50 15.00 35.92 12.64
CA THR C 50 16.24 36.74 12.72
C THR C 50 16.49 37.55 11.45
N GLY C 51 15.96 37.08 10.32
CA GLY C 51 16.14 37.75 9.04
C GLY C 51 17.44 37.36 8.37
N LEU C 52 18.12 36.40 8.95
CA LEU C 52 19.40 35.91 8.47
C LEU C 52 19.23 34.67 7.55
N GLU C 53 20.00 34.63 6.48
CA GLU C 53 19.93 33.51 5.48
C GLU C 53 20.49 32.19 6.02
N LYS C 54 19.70 31.12 5.98
CA LYS C 54 20.18 29.77 6.44
C LYS C 54 20.19 28.70 5.38
N LEU C 55 19.46 28.93 4.31
CA LEU C 55 19.27 27.96 3.25
C LEU C 55 18.99 28.73 1.98
N VAL C 56 19.42 28.18 0.85
CA VAL C 56 19.20 28.78 -0.47
C VAL C 56 18.63 27.73 -1.43
N LEU C 57 17.58 28.11 -2.13
CA LEU C 57 17.11 27.30 -3.23
C LEU C 57 17.46 27.93 -4.56
N GLU C 58 17.97 27.08 -5.43
CA GLU C 58 18.24 27.41 -6.80
C GLU C 58 17.25 26.72 -7.72
N GLU C 59 16.62 27.51 -8.56
CA GLU C 59 15.59 27.12 -9.52
C GLU C 59 16.28 26.75 -10.83
N ALA C 60 16.36 25.43 -11.08
CA ALA C 60 17.07 24.84 -12.20
C ALA C 60 16.06 24.11 -13.15
N PRO C 61 15.98 24.52 -14.43
CA PRO C 61 15.07 23.85 -15.39
C PRO C 61 15.36 22.36 -15.69
N SER C 62 14.31 21.57 -15.92
CA SER C 62 14.41 20.18 -16.29
C SER C 62 15.03 19.99 -17.65
N ARG C 64 17.78 21.33 -18.32
CA ARG C 64 19.21 21.28 -17.98
C ARG C 64 19.50 20.25 -16.91
N THR C 65 18.45 19.69 -16.29
CA THR C 65 18.56 18.97 -15.01
C THR C 65 17.79 17.64 -14.95
N ARG C 66 18.32 16.65 -14.24
CA ARG C 66 17.60 15.42 -13.96
C ARG C 66 17.59 15.05 -12.47
N LYS C 67 16.80 14.03 -12.13
CA LYS C 67 16.77 13.53 -10.81
C LYS C 67 18.00 12.69 -10.56
N VAL C 68 18.46 12.71 -9.31
CA VAL C 68 19.52 11.81 -8.81
C VAL C 68 19.02 10.38 -8.87
N GLU C 69 19.90 9.46 -9.21
CA GLU C 69 19.64 8.05 -9.12
C GLU C 69 20.47 7.52 -7.96
N GLY C 70 19.78 7.05 -6.93
CA GLY C 70 20.40 6.50 -5.75
C GLY C 70 20.45 7.56 -4.66
N ARG C 71 21.51 7.48 -3.86
CA ARG C 71 21.78 8.41 -2.77
C ARG C 71 22.11 9.77 -3.32
N LYS C 72 21.62 10.79 -2.63
CA LYS C 72 21.89 12.16 -3.08
C LYS C 72 23.13 12.60 -2.33
N LYS C 73 23.80 13.66 -2.80
CA LYS C 73 24.88 14.25 -2.02
C LYS C 73 24.38 14.66 -0.62
N LEU C 74 23.17 15.20 -0.57
CA LEU C 74 22.52 15.51 0.70
C LEU C 74 21.92 14.18 1.25
N ALA C 75 22.39 13.72 2.40
CA ALA C 75 21.72 12.56 3.06
C ALA C 75 20.51 13.06 3.84
N ARG C 76 20.66 14.15 4.58
CA ARG C 76 19.58 14.76 5.33
C ARG C 76 19.89 16.20 5.70
N LEU C 77 18.90 17.08 5.56
CA LEU C 77 18.92 18.45 6.10
C LEU C 77 18.29 18.44 7.49
N ILE C 78 18.99 18.99 8.47
CA ILE C 78 18.57 18.95 9.85
C ILE C 78 18.29 20.40 10.27
N VAL C 79 17.07 20.61 10.74
CA VAL C 79 16.59 21.93 11.15
C VAL C 79 16.38 21.77 12.64
N LYS C 80 17.27 22.37 13.44
CA LYS C 80 17.14 22.40 14.92
C LYS C 80 16.36 23.65 15.26
N VAL C 81 15.14 23.46 15.73
CA VAL C 81 14.22 24.57 16.04
C VAL C 81 14.47 24.90 17.48
N GLU C 82 14.51 26.17 17.82
CA GLU C 82 14.86 26.57 19.19
C GLU C 82 13.69 26.37 20.14
N ASN C 83 12.51 26.79 19.71
N ASN C 83 12.51 26.69 19.67
CA ASN C 83 11.26 26.59 20.45
CA ASN C 83 11.32 26.57 20.47
C ASN C 83 10.57 25.26 20.05
C ASN C 83 10.49 25.32 20.11
N PRO C 84 10.52 24.28 20.98
CA PRO C 84 9.87 22.98 20.70
C PRO C 84 8.39 23.06 20.30
N LEU C 85 7.66 24.01 20.88
CA LEU C 85 6.26 24.18 20.59
C LEU C 85 5.99 24.64 19.17
N GLU C 86 6.98 25.21 18.49
CA GLU C 86 6.85 25.48 17.06
C GLU C 86 6.78 24.21 16.20
N ILE C 87 7.44 23.13 16.63
CA ILE C 87 7.32 21.87 15.91
C ILE C 87 5.91 21.33 16.13
N GLU C 88 5.36 21.50 17.33
CA GLU C 88 3.98 21.10 17.58
C GLU C 88 2.94 21.85 16.72
N GLY C 89 3.16 23.16 16.56
CA GLY C 89 2.38 23.97 15.62
C GLY C 89 2.36 23.38 14.24
N ILE C 90 3.53 23.11 13.67
CA ILE C 90 3.67 22.53 12.31
C ILE C 90 2.92 21.23 12.19
N LEU C 91 3.09 20.35 13.18
CA LEU C 91 2.42 19.05 13.20
C LEU C 91 0.92 19.13 13.40
N SER C 92 0.45 20.25 13.92
CA SER C 92 -0.96 20.48 14.04
C SER C 92 -1.60 20.96 12.72
N LYS C 93 -0.82 21.49 11.78
CA LYS C 93 -1.35 21.96 10.53
C LYS C 93 -1.10 20.99 9.37
N THR C 94 -0.30 19.96 9.58
CA THR C 94 0.23 19.22 8.45
C THR C 94 -0.25 17.77 8.42
N ASP C 95 -1.02 17.41 7.40
CA ASP C 95 -1.41 16.00 7.17
C ASP C 95 -0.21 15.03 7.09
N SER C 96 0.56 15.12 6.01
CA SER C 96 1.47 14.02 5.64
C SER C 96 2.98 14.30 5.90
N ILE C 97 3.40 13.93 7.10
CA ILE C 97 4.82 13.81 7.43
C ILE C 97 5.37 12.38 7.13
N HIS C 98 6.69 12.24 7.15
CA HIS C 98 7.28 10.92 6.90
C HIS C 98 7.32 10.04 8.16
N ARG C 99 7.84 10.57 9.26
CA ARG C 99 8.04 9.80 10.48
CA ARG C 99 8.05 9.80 10.48
C ARG C 99 8.04 10.73 11.68
N LEU C 100 7.43 10.30 12.77
CA LEU C 100 7.32 11.05 14.03
C LEU C 100 8.29 10.40 15.04
N TYR C 101 8.99 11.25 15.75
CA TYR C 101 9.93 10.93 16.80
C TYR C 101 9.64 11.77 18.02
N LYS C 102 10.13 11.28 19.15
CA LYS C 102 10.12 12.02 20.42
C LYS C 102 11.48 11.88 21.08
N GLY C 103 11.97 12.98 21.62
CA GLY C 103 13.18 12.98 22.42
C GLY C 103 13.01 13.73 23.72
N GLN C 104 14.16 14.00 24.32
CA GLN C 104 14.31 14.75 25.55
C GLN C 104 13.48 16.05 25.61
N ASN C 105 13.70 16.96 24.65
CA ASN C 105 13.06 18.29 24.68
C ASN C 105 11.74 18.34 23.92
N GLY C 106 11.44 17.35 23.09
CA GLY C 106 10.12 17.26 22.47
C GLY C 106 9.98 16.38 21.25
N TYR C 107 8.89 16.61 20.53
CA TYR C 107 8.65 15.97 19.22
C TYR C 107 9.59 16.47 18.12
N ALA C 108 9.72 15.63 17.13
CA ALA C 108 10.53 15.88 15.96
C ALA C 108 9.84 15.09 14.87
N PHE C 109 10.11 15.43 13.63
CA PHE C 109 9.65 14.57 12.53
C PHE C 109 10.55 14.71 11.30
N GLU C 110 10.44 13.71 10.42
CA GLU C 110 11.04 13.71 9.13
C GLU C 110 9.98 13.91 8.11
N ILE C 111 10.38 14.50 6.97
CA ILE C 111 9.52 14.79 5.85
C ILE C 111 10.37 14.98 4.60
N PHE C 112 9.90 14.48 3.45
CA PHE C 112 10.56 14.75 2.14
C PHE C 112 10.07 16.07 1.42
N SER C 113 11.00 16.76 0.81
CA SER C 113 10.76 17.99 0.08
C SER C 113 10.27 17.53 -1.24
N PRO C 114 9.78 18.48 -2.08
CA PRO C 114 9.41 18.12 -3.49
C PRO C 114 10.56 17.64 -4.39
N GLU C 115 11.81 17.76 -3.93
CA GLU C 115 12.93 17.17 -4.66
C GLU C 115 13.50 15.92 -3.99
N ASP C 116 12.72 15.29 -3.11
CA ASP C 116 13.06 14.03 -2.41
C ASP C 116 14.26 14.18 -1.52
N ASP C 117 14.43 15.37 -0.97
CA ASP C 117 15.45 15.62 0.03
C ASP C 117 14.75 15.36 1.33
N LEU C 118 15.37 14.55 2.18
CA LEU C 118 14.85 14.17 3.50
C LEU C 118 15.21 15.24 4.55
N ILE C 119 14.20 15.78 5.24
CA ILE C 119 14.44 16.86 6.21
C ILE C 119 14.08 16.31 7.60
N LEU C 120 14.96 16.47 8.60
CA LEU C 120 14.63 16.24 10.01
C LEU C 120 14.38 17.56 10.74
N ILE C 121 13.17 17.75 11.29
CA ILE C 121 12.89 18.93 12.13
C ILE C 121 12.78 18.47 13.57
N HIS C 122 13.67 18.97 14.43
CA HIS C 122 13.78 18.57 15.84
C HIS C 122 14.18 19.76 16.70
N ALA C 123 14.09 19.61 18.03
CA ALA C 123 14.52 20.66 19.00
C ALA C 123 15.44 20.10 20.08
N GLU C 124 16.22 19.08 19.72
CA GLU C 124 17.14 18.40 20.66
C GLU C 124 18.56 18.96 20.70
N ASP C 125 19.24 18.69 21.81
CA ASP C 125 20.67 18.95 21.94
C ASP C 125 21.52 17.83 21.34
N ASP C 126 20.89 16.66 21.15
CA ASP C 126 21.51 15.52 20.46
C ASP C 126 20.39 14.71 19.82
N ILE C 127 20.37 14.67 18.49
CA ILE C 127 19.35 13.92 17.76
C ILE C 127 19.39 12.40 18.03
N ALA C 128 20.38 11.91 18.77
CA ALA C 128 20.39 10.49 19.16
C ALA C 128 19.46 10.20 20.36
N SER C 129 19.09 11.24 21.09
CA SER C 129 17.93 11.19 22.01
C SER C 129 16.59 10.75 21.34
N LEU C 130 16.45 10.99 20.04
CA LEU C 130 15.17 10.77 19.35
C LEU C 130 14.74 9.31 19.19
N VAL C 131 13.61 8.99 19.81
CA VAL C 131 12.94 7.69 19.60
C VAL C 131 11.63 7.90 18.81
N GLU C 132 11.31 6.91 18.00
CA GLU C 132 10.21 6.98 17.09
C GLU C 132 8.87 6.80 17.81
N VAL C 133 7.87 7.62 17.47
CA VAL C 133 6.49 7.48 17.98
C VAL C 133 5.58 6.80 16.93
N GLY C 134 5.12 5.61 17.24
CA GLY C 134 4.35 4.82 16.28
C GLY C 134 2.83 4.96 16.35
N GLU C 135 2.34 5.89 17.15
CA GLU C 135 0.93 6.26 17.14
C GLU C 135 0.90 7.79 17.27
N LYS C 136 0.42 8.47 16.23
CA LYS C 136 0.45 9.94 16.24
C LYS C 136 -0.49 10.49 17.30
N PRO C 137 -0.01 11.42 18.15
CA PRO C 137 -0.97 12.22 18.88
C PRO C 137 -1.61 13.19 17.93
N GLU C 138 -2.84 13.60 18.20
CA GLU C 138 -3.35 14.82 17.60
C GLU C 138 -2.62 15.94 18.33
N PHE C 139 -2.19 16.94 17.59
CA PHE C 139 -1.48 18.06 18.17
C PHE C 139 -2.38 19.30 18.15
N GLN C 140 -2.17 20.17 19.13
CA GLN C 140 -2.86 21.46 19.17
C GLN C 140 -1.87 22.61 19.42
N THR C 141 -2.26 23.80 18.95
CA THR C 141 -1.42 24.99 19.08
C THR C 141 -2.22 26.28 19.40
N ASP C 142 -1.60 27.14 20.21
CA ASP C 142 -2.06 28.49 20.51
C ASP C 142 -1.21 29.52 19.79
N LEU C 143 -0.42 29.04 18.84
CA LEU C 143 0.33 29.91 17.95
C LEU C 143 -0.57 30.34 16.78
N ALA C 144 -0.60 31.67 16.54
CA ALA C 144 -1.33 32.23 15.39
C ALA C 144 -0.65 31.94 14.05
N SER C 145 0.60 31.48 14.07
CA SER C 145 1.37 31.23 12.87
C SER C 145 2.29 30.02 13.01
N ILE C 146 2.60 29.33 11.92
CA ILE C 146 3.64 28.28 11.89
C ILE C 146 5.11 28.77 11.83
N SER C 147 5.34 30.07 11.60
CA SER C 147 6.68 30.62 11.39
C SER C 147 7.60 30.11 12.43
N LEU C 148 8.77 29.61 12.01
CA LEU C 148 9.83 29.29 12.95
C LEU C 148 10.54 30.58 13.28
N SER C 149 10.61 30.90 14.55
CA SER C 149 11.20 32.16 14.97
C SER C 149 12.73 32.09 14.82
N LYS C 150 13.28 30.94 15.20
CA LYS C 150 14.74 30.76 15.23
C LYS C 150 15.14 29.28 14.92
N PHE C 151 15.86 29.03 13.82
CA PHE C 151 16.40 27.70 13.57
C PHE C 151 17.86 27.73 13.08
N GLU C 152 18.50 26.54 13.18
CA GLU C 152 19.86 26.33 12.75
C GLU C 152 19.91 25.16 11.82
N ILE C 153 20.63 25.31 10.71
CA ILE C 153 20.71 24.28 9.70
C ILE C 153 21.98 23.46 9.92
N SER C 154 21.84 22.13 9.95
CA SER C 154 23.01 21.20 9.78
C SER C 154 22.69 20.23 8.68
N GLU C 156 23.74 15.99 6.94
CA GLU C 156 24.53 14.81 6.70
C GLU C 156 24.74 14.75 5.22
N LEU C 157 25.98 14.60 4.80
CA LEU C 157 26.29 14.49 3.39
C LEU C 157 26.73 13.11 3.07
N HIS C 158 26.42 12.64 1.88
CA HIS C 158 26.88 11.33 1.43
C HIS C 158 28.14 11.53 0.61
N LEU C 159 29.19 10.76 0.96
CA LEU C 159 30.49 10.91 0.40
C LEU C 159 31.03 9.54 0.06
N PRO C 160 31.43 9.31 -1.22
CA PRO C 160 32.06 7.99 -1.52
C PRO C 160 33.34 7.73 -0.72
N THR C 161 33.60 6.45 -0.44
CA THR C 161 34.71 6.04 0.40
C THR C 161 36.07 6.23 -0.27
N ASP C 162 36.08 6.45 -1.59
CA ASP C 162 37.31 6.63 -2.37
C ASP C 162 37.78 8.09 -2.62
N ILE C 163 37.00 9.07 -2.19
CA ILE C 163 37.46 10.46 -2.20
C ILE C 163 37.35 11.07 -0.81
N GLU C 164 38.16 12.12 -0.60
CA GLU C 164 38.21 12.88 0.64
C GLU C 164 37.65 14.24 0.35
N SER C 165 36.85 14.77 1.26
CA SER C 165 36.48 16.17 1.14
C SER C 165 37.64 17.07 1.52
N PHE C 166 37.64 18.26 0.96
CA PHE C 166 38.50 19.35 1.35
C PHE C 166 38.11 19.94 2.69
N LEU C 167 36.92 19.63 3.17
CA LEU C 167 36.46 20.16 4.42
C LEU C 167 36.96 19.30 5.59
N GLU C 168 37.88 19.87 6.40
CA GLU C 168 38.37 19.23 7.63
C GLU C 168 37.36 19.38 8.78
N SER C 169 37.52 18.60 9.84
CA SER C 169 36.54 18.57 10.93
C SER C 169 36.44 19.82 11.80
N SER C 170 37.54 20.54 12.03
CA SER C 170 37.47 21.77 12.82
C SER C 170 36.87 22.93 12.00
N GLU C 171 36.82 22.75 10.68
CA GLU C 171 36.09 23.65 9.78
C GLU C 171 34.57 23.35 9.83
N ILE C 172 34.19 22.16 9.40
CA ILE C 172 32.78 21.78 9.25
C ILE C 172 32.08 21.62 10.59
N GLY C 173 32.85 21.33 11.64
CA GLY C 173 32.34 21.34 13.00
C GLY C 173 31.28 20.28 13.13
N ALA C 174 30.25 20.63 13.91
CA ALA C 174 29.01 19.85 14.02
C ALA C 174 27.94 20.18 12.96
N SER C 175 28.23 21.13 12.07
CA SER C 175 27.30 21.51 11.00
C SER C 175 27.16 20.44 9.93
N LEU C 176 28.08 19.51 9.93
CA LEU C 176 28.26 18.69 8.78
C LEU C 176 28.92 17.37 9.17
N ASP C 177 28.22 16.30 8.87
CA ASP C 177 28.53 14.91 9.19
CA ASP C 177 28.71 14.97 9.16
C ASP C 177 28.63 14.20 7.85
N PHE C 178 29.74 13.56 7.51
CA PHE C 178 29.87 12.82 6.27
C PHE C 178 29.51 11.40 6.57
N ILE C 179 28.62 10.85 5.76
CA ILE C 179 28.25 9.45 5.84
C ILE C 179 28.77 8.71 4.60
N PRO C 180 29.58 7.62 4.79
CA PRO C 180 30.11 6.91 3.63
C PRO C 180 28.96 6.34 2.76
N ALA C 181 29.12 6.37 1.45
CA ALA C 181 28.02 6.11 0.54
C ALA C 181 28.51 5.65 -0.81
N GLN C 182 27.67 4.87 -1.49
CA GLN C 182 27.82 4.73 -2.93
C GLN C 182 26.57 5.17 -3.68
N GLY C 183 26.84 5.72 -4.86
CA GLY C 183 25.83 6.09 -5.79
C GLY C 183 26.46 6.75 -6.99
N GLN C 184 25.78 6.60 -8.12
CA GLN C 184 26.26 7.05 -9.42
C GLN C 184 26.40 8.55 -9.52
N ASP C 185 25.63 9.26 -8.72
CA ASP C 185 25.56 10.73 -8.83
C ASP C 185 26.15 11.42 -7.63
N LEU C 186 26.97 10.73 -6.86
CA LEU C 186 27.57 11.30 -5.66
C LEU C 186 28.71 12.32 -5.89
N THR C 187 29.30 12.32 -7.06
CA THR C 187 30.38 13.26 -7.47
C THR C 187 30.08 13.95 -8.84
N VAL C 188 28.81 13.92 -9.26
CA VAL C 188 28.44 14.34 -10.59
C VAL C 188 28.57 15.87 -10.61
N ASP C 189 28.84 16.45 -11.77
CA ASP C 189 28.93 17.91 -11.92
C ASP C 189 27.62 18.52 -11.42
N ASN C 190 27.70 19.66 -10.76
CA ASN C 190 26.54 20.15 -10.02
C ASN C 190 25.41 20.74 -10.86
N THR C 191 25.66 20.87 -12.17
CA THR C 191 24.64 21.28 -13.12
C THR C 191 23.78 20.09 -13.61
N VAL C 192 24.23 18.84 -13.38
CA VAL C 192 23.54 17.65 -13.89
C VAL C 192 22.20 17.31 -13.15
N THR C 193 22.12 17.53 -11.83
CA THR C 193 21.04 16.93 -11.03
C THR C 193 20.46 17.96 -10.13
N TRP C 194 19.24 17.75 -9.65
CA TRP C 194 18.68 18.55 -8.49
C TRP C 194 19.22 18.02 -7.19
N ASP C 195 20.19 18.69 -6.59
CA ASP C 195 20.83 18.17 -5.37
C ASP C 195 21.48 19.37 -4.69
N LEU C 196 22.20 19.11 -3.58
CA LEU C 196 23.10 20.10 -2.99
C LEU C 196 24.19 20.44 -3.99
N SER C 197 24.21 21.74 -4.35
CA SER C 197 25.05 22.24 -5.39
C SER C 197 26.22 23.14 -4.89
N LEU C 199 27.89 24.87 -1.00
CA LEU C 199 28.00 25.21 0.43
C LEU C 199 28.69 26.56 0.51
N LYS C 200 28.09 27.55 1.16
CA LYS C 200 28.64 28.89 1.31
C LYS C 200 29.09 29.10 2.75
N PHE C 201 30.37 29.47 2.92
CA PHE C 201 30.96 29.66 4.22
C PHE C 201 31.16 31.15 4.47
N LEU C 202 30.46 31.66 5.49
CA LEU C 202 30.62 33.03 5.95
C LEU C 202 31.64 32.99 7.05
N VAL C 203 32.69 33.80 6.86
CA VAL C 203 33.93 33.70 7.63
C VAL C 203 34.16 35.07 8.18
N ASN C 204 34.91 35.16 9.27
CA ASN C 204 35.20 36.47 9.87
C ASN C 204 36.13 37.27 8.98
N GLU C 205 37.15 36.61 8.43
CA GLU C 205 38.02 37.29 7.50
C GLU C 205 38.31 36.44 6.26
N LEU C 206 38.15 37.00 5.08
CA LEU C 206 38.46 36.26 3.85
C LEU C 206 40.00 36.29 3.59
N ASP C 207 40.66 35.16 3.82
CA ASP C 207 42.09 34.97 3.62
C ASP C 207 42.31 34.22 2.29
N ILE C 208 42.47 35.00 1.21
CA ILE C 208 42.60 34.45 -0.16
C ILE C 208 43.79 33.48 -0.32
N ALA C 209 44.91 33.86 0.30
CA ALA C 209 46.16 33.11 0.33
C ALA C 209 46.00 31.70 0.89
N SER C 210 45.26 31.57 1.98
CA SER C 210 45.02 30.25 2.60
C SER C 210 44.21 29.35 1.71
N LEU C 211 43.24 29.94 1.06
CA LEU C 211 42.28 29.20 0.30
C LEU C 211 42.89 28.67 -0.96
N ARG C 212 43.72 29.51 -1.58
CA ARG C 212 44.51 29.16 -2.74
C ARG C 212 45.48 28.05 -2.47
N GLN C 213 46.05 28.03 -1.27
CA GLN C 213 46.84 26.88 -0.85
C GLN C 213 45.96 25.64 -0.60
N LYS C 214 44.85 25.82 0.12
CA LYS C 214 43.89 24.75 0.39
C LYS C 214 43.47 24.03 -0.90
N PHE C 215 43.06 24.82 -1.87
CA PHE C 215 42.66 24.33 -3.16
C PHE C 215 43.70 24.38 -4.24
N GLU C 216 44.97 24.43 -3.86
CA GLU C 216 46.08 24.41 -4.79
C GLU C 216 45.96 23.29 -5.82
N SER C 217 45.42 22.14 -5.43
CA SER C 217 45.41 21.00 -6.37
C SER C 217 44.37 21.22 -7.51
N THR C 218 43.50 22.20 -7.30
CA THR C 218 42.19 22.16 -7.85
C THR C 218 41.95 23.39 -8.72
N GLU C 219 40.82 23.42 -9.42
CA GLU C 219 40.31 24.68 -10.01
C GLU C 219 39.49 25.50 -8.99
N TYR C 220 39.78 26.79 -9.04
CA TYR C 220 39.09 27.76 -8.22
C TYR C 220 39.07 29.13 -8.91
N PHE C 221 38.38 30.08 -8.31
CA PHE C 221 38.07 31.35 -8.97
C PHE C 221 38.06 32.42 -7.90
N ILE C 222 38.89 33.41 -8.17
CA ILE C 222 38.96 34.60 -7.39
C ILE C 222 38.44 35.74 -8.25
N PRO C 223 37.34 36.36 -7.82
CA PRO C 223 36.90 37.55 -8.56
C PRO C 223 37.90 38.65 -8.45
N LYS C 224 37.93 39.50 -9.46
CA LYS C 224 38.75 40.71 -9.44
C LYS C 224 38.48 41.59 -8.22
N SER C 225 37.23 41.64 -7.79
CA SER C 225 36.80 42.38 -6.61
C SER C 225 37.31 41.82 -5.29
N GLU C 226 37.69 40.53 -5.27
CA GLU C 226 38.04 39.78 -4.05
C GLU C 226 36.99 39.79 -2.93
N LYS C 227 35.70 39.75 -3.28
CA LYS C 227 34.61 39.76 -2.29
C LYS C 227 34.24 38.34 -1.86
N PHE C 228 34.58 37.38 -2.69
CA PHE C 228 34.47 35.96 -2.33
C PHE C 228 35.61 35.14 -2.89
N PHE C 229 35.63 33.87 -2.49
CA PHE C 229 36.52 32.85 -3.06
C PHE C 229 35.70 31.61 -3.42
N LEU C 230 35.87 31.07 -4.62
CA LEU C 230 35.07 29.94 -5.07
C LEU C 230 35.93 28.71 -5.45
N GLY C 231 35.90 27.70 -4.57
CA GLY C 231 36.55 26.40 -4.79
C GLY C 231 35.54 25.31 -5.12
N LYS C 232 36.03 24.11 -5.33
CA LYS C 232 35.22 22.97 -5.65
C LYS C 232 35.75 21.77 -4.89
N ASP C 233 34.83 21.08 -4.20
CA ASP C 233 35.19 19.99 -3.35
C ASP C 233 35.33 18.81 -4.27
N ARG C 234 35.91 17.73 -3.76
CA ARG C 234 36.19 16.55 -4.57
C ARG C 234 34.93 15.81 -5.00
N ASN C 235 33.77 16.17 -4.47
CA ASN C 235 32.49 15.67 -5.01
C ASN C 235 31.71 16.66 -5.88
N ASN C 236 32.41 17.72 -6.29
CA ASN C 236 31.93 18.76 -7.23
C ASN C 236 30.86 19.73 -6.69
N VAL C 237 30.69 19.70 -5.38
CA VAL C 237 29.94 20.70 -4.70
C VAL C 237 30.81 22.00 -4.65
N GLU C 238 30.31 23.10 -5.19
CA GLU C 238 31.01 24.36 -5.08
C GLU C 238 31.08 24.77 -3.64
N LEU C 239 32.22 25.33 -3.27
CA LEU C 239 32.53 25.76 -1.91
C LEU C 239 32.81 27.25 -2.00
N TRP C 240 31.91 28.08 -1.47
CA TRP C 240 32.02 29.56 -1.63
C TRP C 240 32.28 30.25 -0.30
N PHE C 241 33.34 31.08 -0.23
CA PHE C 241 33.71 31.75 1.00
C PHE C 241 33.62 33.26 0.85
N GLU C 242 33.06 33.94 1.85
CA GLU C 242 32.97 35.39 1.86
C GLU C 242 32.80 35.88 3.28
N GLU C 243 33.17 37.12 3.50
CA GLU C 243 33.03 37.72 4.80
C GLU C 243 31.57 37.97 5.12
N VAL C 244 31.26 37.78 6.40
CA VAL C 244 29.94 38.20 6.90
C VAL C 244 29.69 39.68 6.68
N ASN D 5 3.60 -28.67 -3.86
CA ASN D 5 3.37 -30.05 -4.42
C ASN D 5 2.39 -31.01 -3.68
N VAL D 6 2.08 -30.76 -2.42
CA VAL D 6 1.00 -31.49 -1.73
C VAL D 6 -0.16 -30.56 -1.33
N ASN D 7 -1.36 -31.13 -1.25
CA ASN D 7 -2.54 -30.39 -0.92
C ASN D 7 -2.83 -29.28 -1.97
N GLN D 8 -2.41 -29.49 -3.21
CA GLN D 8 -2.65 -28.56 -4.31
C GLN D 8 -4.08 -28.76 -4.82
N ILE D 9 -4.83 -27.66 -4.89
CA ILE D 9 -6.27 -27.72 -5.12
C ILE D 9 -6.60 -28.00 -6.59
N VAL D 10 -7.35 -29.07 -6.85
CA VAL D 10 -7.76 -29.41 -8.21
C VAL D 10 -9.23 -29.01 -8.51
N ARG D 11 -10.10 -29.20 -7.54
N ARG D 11 -10.10 -29.20 -7.54
CA ARG D 11 -11.50 -28.87 -7.71
CA ARG D 11 -11.51 -28.93 -7.69
C ARG D 11 -12.07 -28.50 -6.35
C ARG D 11 -12.06 -28.51 -6.34
N ILE D 12 -12.95 -27.52 -6.31
CA ILE D 12 -13.65 -27.10 -5.08
C ILE D 12 -15.16 -27.25 -5.32
N ILE D 13 -15.80 -28.09 -4.48
CA ILE D 13 -17.22 -28.37 -4.53
C ILE D 13 -17.85 -27.75 -3.27
N PRO D 14 -18.70 -26.71 -3.46
CA PRO D 14 -19.46 -26.16 -2.32
C PRO D 14 -20.72 -26.98 -2.06
N THR D 15 -21.10 -27.09 -0.78
CA THR D 15 -22.41 -27.56 -0.36
C THR D 15 -23.29 -26.40 0.09
N LEU D 16 -24.42 -26.19 -0.61
CA LEU D 16 -25.47 -25.27 -0.14
C LEU D 16 -26.63 -26.02 0.55
N LYS D 17 -27.11 -25.50 1.66
CA LYS D 17 -28.27 -26.00 2.36
C LYS D 17 -29.58 -25.60 1.73
N ALA D 18 -30.51 -26.55 1.69
CA ALA D 18 -31.76 -26.41 0.94
C ALA D 18 -32.90 -26.75 1.91
N ASN D 19 -34.00 -25.98 1.83
CA ASN D 19 -35.22 -26.23 2.64
C ASN D 19 -36.19 -27.15 1.89
N ASN D 20 -36.84 -26.57 0.88
CA ASN D 20 -37.75 -27.31 0.03
C ASN D 20 -36.95 -27.87 -1.10
N ARG D 21 -36.74 -29.18 -1.08
CA ARG D 21 -35.95 -29.81 -2.12
C ARG D 21 -36.50 -29.65 -3.52
N LYS D 22 -37.81 -29.77 -3.65
CA LYS D 22 -38.50 -29.63 -4.93
C LYS D 22 -38.32 -28.22 -5.54
N LEU D 23 -38.53 -27.14 -4.78
CA LEU D 23 -38.25 -25.79 -5.31
C LEU D 23 -36.79 -25.70 -5.83
N ASN D 24 -35.88 -26.36 -5.12
CA ASN D 24 -34.44 -26.30 -5.44
C ASN D 24 -34.03 -27.06 -6.66
N GLU D 25 -34.58 -28.28 -6.83
CA GLU D 25 -34.48 -29.03 -8.09
C GLU D 25 -35.07 -28.25 -9.28
N THR D 26 -36.28 -27.71 -9.12
CA THR D 26 -36.90 -26.91 -10.21
C THR D 26 -35.92 -25.81 -10.62
N PHE D 27 -35.33 -25.17 -9.61
CA PHE D 27 -34.32 -24.13 -9.85
C PHE D 27 -33.01 -24.58 -10.53
N TYR D 28 -32.25 -25.44 -9.85
CA TYR D 28 -30.95 -25.86 -10.36
C TYR D 28 -31.11 -26.75 -11.56
N ILE D 29 -32.11 -27.61 -11.56
CA ILE D 29 -32.17 -28.67 -12.61
C ILE D 29 -32.96 -28.15 -13.79
N GLU D 30 -34.22 -27.83 -13.55
CA GLU D 30 -35.13 -27.44 -14.61
C GLU D 30 -34.83 -26.04 -15.15
N THR D 31 -34.71 -25.03 -14.29
CA THR D 31 -34.41 -23.67 -14.74
C THR D 31 -32.96 -23.56 -15.22
N LEU D 32 -31.97 -23.86 -14.38
CA LEU D 32 -30.56 -23.71 -14.80
C LEU D 32 -29.99 -24.78 -15.72
N GLY D 33 -30.55 -25.98 -15.75
CA GLY D 33 -30.00 -27.04 -16.63
C GLY D 33 -28.90 -27.92 -16.05
N LYS D 35 -27.41 -31.27 -14.00
CA LYS D 35 -27.78 -32.69 -14.00
C LYS D 35 -27.81 -33.21 -12.52
N ALA D 36 -28.87 -33.93 -12.17
CA ALA D 36 -28.97 -34.66 -10.91
C ALA D 36 -28.07 -35.85 -11.10
N LEU D 37 -27.09 -35.96 -10.22
CA LEU D 37 -26.09 -36.98 -10.36
C LEU D 37 -26.33 -38.18 -9.47
N LEU D 38 -26.57 -37.96 -8.18
CA LEU D 38 -26.45 -39.00 -7.13
C LEU D 38 -26.91 -38.45 -5.80
N GLU D 39 -27.81 -39.16 -5.15
CA GLU D 39 -28.42 -38.66 -3.92
C GLU D 39 -28.04 -39.67 -2.89
N GLU D 40 -27.55 -39.16 -1.77
CA GLU D 40 -27.32 -39.98 -0.65
C GLU D 40 -27.65 -39.23 0.60
N SER D 41 -28.49 -39.85 1.43
CA SER D 41 -28.97 -39.26 2.69
C SER D 41 -29.46 -37.83 2.46
N ALA D 42 -28.91 -36.83 3.18
CA ALA D 42 -29.28 -35.39 3.01
C ALA D 42 -28.75 -34.71 1.76
N PHE D 43 -27.94 -35.42 0.95
CA PHE D 43 -27.16 -34.74 -0.11
C PHE D 43 -27.57 -35.11 -1.53
N LEU D 44 -27.87 -34.09 -2.33
CA LEU D 44 -28.05 -34.23 -3.78
C LEU D 44 -26.83 -33.62 -4.48
N SER D 45 -26.21 -34.43 -5.31
CA SER D 45 -25.06 -34.09 -6.07
C SER D 45 -25.49 -33.63 -7.48
N LEU D 46 -25.01 -32.43 -7.86
CA LEU D 46 -25.36 -31.78 -9.14
C LEU D 46 -24.15 -31.56 -9.99
N GLY D 47 -24.29 -31.72 -11.31
CA GLY D 47 -23.17 -31.49 -12.17
C GLY D 47 -23.62 -31.10 -13.54
N ASP D 48 -22.78 -31.41 -14.51
CA ASP D 48 -23.04 -31.11 -15.90
C ASP D 48 -23.12 -32.44 -16.66
N GLN D 49 -23.18 -32.39 -17.99
CA GLN D 49 -23.43 -33.61 -18.74
C GLN D 49 -22.25 -34.59 -18.73
N THR D 50 -21.14 -34.25 -18.06
CA THR D 50 -19.93 -35.11 -18.00
C THR D 50 -20.04 -36.10 -16.85
N GLY D 51 -20.91 -35.75 -15.90
CA GLY D 51 -21.15 -36.55 -14.70
C GLY D 51 -20.32 -36.12 -13.49
N LEU D 52 -19.49 -35.09 -13.63
CA LEU D 52 -18.70 -34.57 -12.51
C LEU D 52 -19.57 -33.69 -11.63
N GLU D 53 -19.58 -33.98 -10.32
CA GLU D 53 -20.26 -33.17 -9.32
C GLU D 53 -19.57 -31.81 -9.24
N LYS D 54 -20.35 -30.75 -9.35
CA LYS D 54 -19.88 -29.37 -9.27
C LYS D 54 -20.46 -28.65 -8.02
N LEU D 55 -21.52 -29.21 -7.47
CA LEU D 55 -22.31 -28.54 -6.45
C LEU D 55 -23.08 -29.62 -5.72
N VAL D 56 -23.19 -29.47 -4.42
CA VAL D 56 -23.94 -30.35 -3.60
C VAL D 56 -25.01 -29.56 -2.85
N LEU D 57 -26.25 -30.07 -2.82
CA LEU D 57 -27.37 -29.53 -2.04
C LEU D 57 -27.70 -30.47 -0.86
N GLU D 58 -27.68 -29.88 0.33
CA GLU D 58 -27.99 -30.56 1.58
C GLU D 58 -29.40 -30.19 2.11
N GLU D 59 -30.31 -31.16 2.13
CA GLU D 59 -31.67 -30.98 2.64
C GLU D 59 -31.62 -30.89 4.19
N ALA D 60 -32.01 -29.71 4.69
CA ALA D 60 -31.94 -29.38 6.10
C ALA D 60 -33.35 -28.99 6.55
N PRO D 61 -34.00 -29.82 7.40
CA PRO D 61 -35.34 -29.47 7.95
C PRO D 61 -35.44 -28.03 8.54
N SER D 62 -36.51 -27.32 8.20
CA SER D 62 -36.93 -26.08 8.92
C SER D 62 -36.97 -26.17 10.42
N ARG D 64 -34.89 -27.54 12.20
CA ARG D 64 -33.49 -27.45 12.59
C ARG D 64 -32.81 -26.17 12.09
N THR D 65 -33.47 -25.41 11.24
CA THR D 65 -32.79 -24.46 10.35
C THR D 65 -33.64 -23.27 10.19
N ARG D 66 -33.02 -22.10 10.09
CA ARG D 66 -33.72 -20.86 9.72
C ARG D 66 -33.07 -20.17 8.52
N LYS D 67 -33.75 -19.14 8.10
CA LYS D 67 -33.33 -18.26 7.04
C LYS D 67 -32.19 -17.34 7.55
N VAL D 68 -31.23 -17.06 6.67
CA VAL D 68 -30.18 -16.08 6.98
C VAL D 68 -30.83 -14.66 7.11
N GLU D 69 -30.44 -13.93 8.16
CA GLU D 69 -30.80 -12.54 8.25
C GLU D 69 -29.59 -11.70 7.81
N GLY D 70 -29.77 -10.98 6.71
CA GLY D 70 -28.73 -10.13 6.12
C GLY D 70 -27.91 -10.84 5.05
N ARG D 71 -26.61 -10.58 5.02
CA ARG D 71 -25.75 -11.10 3.98
C ARG D 71 -25.43 -12.56 4.27
N LYS D 72 -25.37 -13.35 3.21
CA LYS D 72 -25.15 -14.77 3.38
C LYS D 72 -23.69 -15.00 3.28
N LYS D 73 -23.21 -16.08 3.89
CA LYS D 73 -21.81 -16.49 3.74
C LYS D 73 -21.47 -16.63 2.27
N LEU D 74 -22.38 -17.17 1.45
CA LEU D 74 -22.20 -17.13 -0.02
C LEU D 74 -22.74 -15.81 -0.60
N ALA D 75 -21.86 -15.09 -1.30
CA ALA D 75 -22.16 -13.81 -1.92
C ALA D 75 -22.69 -14.07 -3.31
N ARG D 76 -22.01 -14.90 -4.07
CA ARG D 76 -22.52 -15.25 -5.40
C ARG D 76 -21.95 -16.56 -5.79
N LEU D 77 -22.72 -17.42 -6.45
CA LEU D 77 -22.16 -18.64 -7.04
C LEU D 77 -22.01 -18.37 -8.50
N ILE D 78 -20.85 -18.70 -9.07
CA ILE D 78 -20.53 -18.31 -10.42
C ILE D 78 -20.49 -19.54 -11.27
N VAL D 79 -21.34 -19.57 -12.30
CA VAL D 79 -21.44 -20.66 -13.25
C VAL D 79 -20.93 -20.23 -14.60
N LYS D 80 -19.75 -20.69 -14.98
CA LYS D 80 -19.22 -20.39 -16.30
C LYS D 80 -19.57 -21.48 -17.31
N VAL D 81 -20.47 -21.15 -18.24
CA VAL D 81 -20.97 -22.07 -19.26
C VAL D 81 -20.06 -21.96 -20.46
N GLU D 82 -19.83 -23.09 -21.12
CA GLU D 82 -18.98 -23.13 -22.31
C GLU D 82 -19.66 -22.54 -23.58
N ASN D 83 -20.93 -22.92 -23.78
CA ASN D 83 -21.71 -22.49 -24.93
C ASN D 83 -22.67 -21.37 -24.53
N PRO D 84 -22.45 -20.14 -25.04
CA PRO D 84 -23.32 -19.03 -24.68
C PRO D 84 -24.77 -19.16 -25.17
N LEU D 85 -25.01 -19.97 -26.20
CA LEU D 85 -26.39 -20.16 -26.68
C LEU D 85 -27.22 -20.91 -25.63
N GLU D 86 -26.55 -21.69 -24.79
CA GLU D 86 -27.17 -22.36 -23.64
C GLU D 86 -27.64 -21.36 -22.57
N ILE D 87 -26.97 -20.22 -22.49
CA ILE D 87 -27.41 -19.13 -21.62
C ILE D 87 -28.70 -18.51 -22.11
N GLU D 88 -28.76 -18.30 -23.44
CA GLU D 88 -29.93 -17.72 -24.08
C GLU D 88 -31.09 -18.66 -24.01
N GLY D 89 -30.82 -19.96 -24.04
CA GLY D 89 -31.83 -20.99 -23.88
C GLY D 89 -32.52 -20.85 -22.55
N ILE D 90 -31.73 -20.66 -21.50
CA ILE D 90 -32.29 -20.46 -20.16
C ILE D 90 -33.11 -19.21 -20.06
N LEU D 91 -32.60 -18.10 -20.58
CA LEU D 91 -33.33 -16.81 -20.54
C LEU D 91 -34.67 -16.81 -21.30
N SER D 92 -34.77 -17.61 -22.35
CA SER D 92 -35.98 -17.69 -23.15
C SER D 92 -37.14 -18.39 -22.39
N LYS D 93 -36.77 -19.21 -21.41
CA LYS D 93 -37.71 -20.00 -20.62
C LYS D 93 -37.78 -19.53 -19.15
N THR D 94 -37.34 -18.30 -18.90
CA THR D 94 -37.21 -17.77 -17.54
C THR D 94 -37.40 -16.28 -17.57
N ASP D 95 -38.55 -15.78 -17.14
CA ASP D 95 -38.74 -14.33 -17.10
C ASP D 95 -38.13 -13.70 -15.87
N SER D 96 -38.42 -14.23 -14.69
CA SER D 96 -37.96 -13.57 -13.50
C SER D 96 -36.47 -13.84 -13.25
N ILE D 97 -35.64 -12.86 -13.64
CA ILE D 97 -34.21 -12.83 -13.31
C ILE D 97 -33.94 -11.63 -12.41
N HIS D 98 -32.80 -11.61 -11.73
CA HIS D 98 -32.42 -10.48 -10.85
C HIS D 98 -31.73 -9.39 -11.64
N ARG D 99 -30.84 -9.78 -12.54
CA ARG D 99 -30.08 -8.79 -13.26
C ARG D 99 -29.49 -9.39 -14.57
N LEU D 100 -29.41 -8.54 -15.58
CA LEU D 100 -29.03 -8.95 -16.94
C LEU D 100 -27.76 -8.20 -17.31
N TYR D 101 -26.89 -8.92 -17.99
CA TYR D 101 -25.59 -8.44 -18.43
C TYR D 101 -25.32 -8.87 -19.88
N LYS D 102 -24.38 -8.14 -20.49
CA LYS D 102 -23.84 -8.43 -21.81
C LYS D 102 -22.31 -8.39 -21.72
N GLY D 103 -21.68 -9.44 -22.27
CA GLY D 103 -20.22 -9.47 -22.33
C GLY D 103 -19.70 -9.59 -23.76
N GLN D 104 -18.39 -9.77 -23.86
CA GLN D 104 -17.70 -9.98 -25.15
C GLN D 104 -18.26 -11.22 -25.85
N ASN D 105 -18.55 -12.27 -25.06
CA ASN D 105 -19.03 -13.56 -25.58
C ASN D 105 -20.56 -13.73 -25.60
N GLY D 106 -21.30 -12.90 -24.91
CA GLY D 106 -22.76 -12.95 -25.00
C GLY D 106 -23.43 -12.38 -23.79
N TYR D 107 -24.64 -12.84 -23.54
CA TYR D 107 -25.42 -12.44 -22.37
C TYR D 107 -25.05 -13.24 -21.13
N ALA D 108 -25.44 -12.70 -20.00
CA ALA D 108 -25.27 -13.33 -18.73
C ALA D 108 -26.34 -12.77 -17.83
N PHE D 109 -26.57 -13.44 -16.72
CA PHE D 109 -27.59 -13.01 -15.78
C PHE D 109 -27.35 -13.53 -14.38
N GLU D 110 -27.91 -12.82 -13.41
CA GLU D 110 -28.09 -13.31 -12.05
C GLU D 110 -29.58 -13.63 -11.82
N ILE D 111 -29.79 -14.52 -10.87
CA ILE D 111 -31.08 -15.10 -10.54
C ILE D 111 -30.85 -15.73 -9.15
N PHE D 112 -31.84 -15.58 -8.27
CA PHE D 112 -31.78 -16.07 -6.90
C PHE D 112 -32.42 -17.44 -6.86
N SER D 113 -31.78 -18.34 -6.11
CA SER D 113 -32.35 -19.61 -5.76
C SER D 113 -33.48 -19.40 -4.73
N PRO D 114 -34.26 -20.46 -4.44
CA PRO D 114 -35.28 -20.38 -3.38
C PRO D 114 -34.74 -20.08 -1.95
N GLU D 115 -33.44 -20.19 -1.73
CA GLU D 115 -32.80 -19.84 -0.46
C GLU D 115 -32.10 -18.54 -0.55
N ASP D 116 -32.34 -17.79 -1.64
CA ASP D 116 -31.74 -16.44 -1.89
C ASP D 116 -30.21 -16.47 -2.12
N ASP D 117 -29.75 -17.58 -2.68
CA ASP D 117 -28.38 -17.70 -3.11
C ASP D 117 -28.35 -17.06 -4.48
N LEU D 118 -27.47 -16.05 -4.62
CA LEU D 118 -27.34 -15.28 -5.86
C LEU D 118 -26.43 -16.02 -6.82
N ILE D 119 -26.96 -16.39 -7.98
CA ILE D 119 -26.23 -17.20 -8.93
C ILE D 119 -25.93 -16.34 -10.17
N LEU D 120 -24.66 -16.24 -10.56
CA LEU D 120 -24.25 -15.61 -11.83
C LEU D 120 -24.00 -16.72 -12.87
N ILE D 121 -24.73 -16.63 -13.99
CA ILE D 121 -24.56 -17.52 -15.15
C ILE D 121 -23.98 -16.70 -16.33
N HIS D 122 -22.78 -17.12 -16.79
CA HIS D 122 -22.02 -16.46 -17.87
C HIS D 122 -21.21 -17.42 -18.72
N ALA D 123 -20.80 -16.94 -19.91
CA ALA D 123 -19.88 -17.64 -20.87
C ALA D 123 -18.69 -16.72 -21.24
N GLU D 124 -18.38 -15.76 -20.34
CA GLU D 124 -17.17 -14.92 -20.40
C GLU D 124 -15.86 -15.57 -19.93
N ASP D 125 -14.80 -15.16 -20.61
CA ASP D 125 -13.43 -15.45 -20.23
C ASP D 125 -12.95 -14.63 -19.03
N ASP D 126 -13.54 -13.45 -18.85
CA ASP D 126 -13.33 -12.64 -17.66
C ASP D 126 -14.62 -11.90 -17.36
N ILE D 127 -15.20 -12.09 -16.18
CA ILE D 127 -16.47 -11.47 -15.87
C ILE D 127 -16.38 -9.96 -15.70
N ALA D 128 -15.19 -9.38 -15.53
CA ALA D 128 -15.05 -7.89 -15.55
C ALA D 128 -15.28 -7.26 -16.94
N SER D 129 -15.75 -8.06 -17.91
CA SER D 129 -16.29 -7.50 -19.17
C SER D 129 -17.81 -7.29 -19.15
N LEU D 130 -18.48 -7.90 -18.19
CA LEU D 130 -19.96 -7.77 -18.08
C LEU D 130 -20.46 -6.32 -17.80
N VAL D 131 -21.30 -5.78 -18.69
CA VAL D 131 -22.03 -4.54 -18.40
C VAL D 131 -23.49 -4.89 -18.07
N GLU D 132 -23.99 -4.39 -16.94
CA GLU D 132 -25.40 -4.53 -16.61
C GLU D 132 -26.32 -3.81 -17.65
N VAL D 133 -27.32 -4.56 -18.14
CA VAL D 133 -28.27 -4.07 -19.18
C VAL D 133 -29.61 -3.72 -18.49
N GLY D 134 -30.21 -2.63 -18.94
CA GLY D 134 -31.45 -2.11 -18.38
C GLY D 134 -32.70 -2.54 -19.14
N GLU D 135 -32.56 -2.97 -20.39
CA GLU D 135 -33.71 -3.45 -21.11
C GLU D 135 -33.53 -4.90 -21.51
N LYS D 136 -34.66 -5.60 -21.56
CA LYS D 136 -34.68 -7.05 -21.73
C LYS D 136 -35.06 -7.48 -23.16
N PRO D 137 -34.15 -8.19 -23.86
CA PRO D 137 -34.48 -8.83 -25.16
C PRO D 137 -35.42 -10.05 -25.05
N GLU D 138 -35.85 -10.58 -26.20
CA GLU D 138 -36.79 -11.69 -26.25
C GLU D 138 -36.15 -13.10 -26.21
N PHE D 139 -35.10 -13.32 -27.04
CA PHE D 139 -34.51 -14.67 -27.20
C PHE D 139 -35.50 -15.67 -27.81
N ILE D 146 -33.73 -27.54 -22.07
CA ILE D 146 -32.60 -26.90 -21.39
C ILE D 146 -31.77 -27.95 -20.64
N SER D 147 -30.44 -27.88 -20.82
CA SER D 147 -29.48 -28.71 -20.09
C SER D 147 -28.10 -28.13 -20.37
N LEU D 148 -27.43 -27.61 -19.33
CA LEU D 148 -26.05 -27.14 -19.46
C LEU D 148 -25.13 -28.30 -19.68
N SER D 149 -24.42 -28.24 -20.78
CA SER D 149 -23.70 -29.40 -21.21
C SER D 149 -22.36 -29.42 -20.46
N LYS D 150 -21.73 -28.26 -20.32
CA LYS D 150 -20.45 -28.14 -19.64
C LYS D 150 -20.37 -26.81 -18.90
N PHE D 151 -20.10 -26.84 -17.60
CA PHE D 151 -19.91 -25.63 -16.80
C PHE D 151 -18.89 -25.84 -15.68
N GLU D 152 -18.23 -24.74 -15.29
CA GLU D 152 -17.38 -24.70 -14.11
C GLU D 152 -17.96 -23.75 -13.04
N ILE D 153 -17.82 -24.15 -11.77
CA ILE D 153 -18.28 -23.38 -10.61
C ILE D 153 -17.13 -22.65 -9.91
N SER D 154 -17.36 -21.35 -9.60
CA SER D 154 -16.54 -20.58 -8.66
C SER D 154 -17.46 -19.75 -7.78
N GLU D 156 -17.92 -16.02 -4.81
CA GLU D 156 -17.56 -14.95 -3.91
C GLU D 156 -18.16 -15.22 -2.54
N LEU D 157 -17.33 -15.17 -1.51
CA LEU D 157 -17.77 -15.43 -0.13
C LEU D 157 -17.73 -14.14 0.68
N HIS D 158 -18.75 -13.88 1.47
CA HIS D 158 -18.77 -12.75 2.39
C HIS D 158 -18.01 -13.10 3.63
N LEU D 159 -16.97 -12.32 3.93
CA LEU D 159 -16.17 -12.48 5.15
C LEU D 159 -16.08 -11.21 6.00
N PRO D 160 -16.47 -11.29 7.30
CA PRO D 160 -16.21 -10.15 8.20
C PRO D 160 -14.78 -9.67 8.11
N THR D 161 -14.55 -8.40 8.36
CA THR D 161 -13.17 -7.86 8.30
C THR D 161 -12.33 -8.33 9.48
N ASP D 162 -12.95 -8.50 10.64
CA ASP D 162 -12.22 -8.82 11.89
C ASP D 162 -11.88 -10.31 12.00
N ILE D 163 -12.25 -11.11 11.02
CA ILE D 163 -11.80 -12.47 11.01
C ILE D 163 -11.11 -12.81 9.68
N GLU D 164 -10.27 -13.82 9.76
CA GLU D 164 -9.38 -14.24 8.69
C GLU D 164 -9.79 -15.66 8.41
N SER D 165 -9.87 -16.02 7.13
CA SER D 165 -10.09 -17.40 6.74
C SER D 165 -8.74 -18.14 6.74
N PHE D 166 -8.79 -19.44 7.06
CA PHE D 166 -7.64 -20.35 6.81
C PHE D 166 -7.27 -20.51 5.35
N LEU D 167 -8.20 -20.14 4.47
CA LEU D 167 -8.01 -20.34 3.06
C LEU D 167 -7.13 -19.25 2.45
N GLU D 168 -5.98 -19.68 1.95
CA GLU D 168 -4.95 -18.79 1.36
C GLU D 168 -5.25 -18.45 -0.08
N SER D 169 -5.59 -17.20 -0.34
CA SER D 169 -5.82 -16.71 -1.70
C SER D 169 -4.83 -17.30 -2.76
N SER D 170 -3.59 -17.60 -2.34
CA SER D 170 -2.56 -18.29 -3.17
C SER D 170 -2.89 -19.74 -3.59
N GLU D 171 -3.87 -20.36 -2.94
CA GLU D 171 -4.35 -21.70 -3.32
C GLU D 171 -5.63 -21.53 -4.12
N ILE D 172 -6.35 -20.48 -3.74
CA ILE D 172 -7.80 -20.39 -3.80
C ILE D 172 -8.28 -19.61 -5.07
N GLY D 173 -7.38 -18.84 -5.64
CA GLY D 173 -7.41 -18.53 -7.07
C GLY D 173 -8.61 -17.76 -7.55
N ALA D 174 -8.86 -17.84 -8.85
CA ALA D 174 -10.09 -17.31 -9.43
C ALA D 174 -11.31 -18.10 -8.91
N SER D 175 -11.07 -19.29 -8.36
CA SER D 175 -12.15 -20.15 -7.86
C SER D 175 -12.83 -19.55 -6.61
N LEU D 176 -12.09 -18.75 -5.85
CA LEU D 176 -12.63 -18.29 -4.59
C LEU D 176 -12.13 -16.89 -4.16
N ASP D 177 -13.04 -15.91 -4.23
CA ASP D 177 -12.78 -14.51 -3.88
C ASP D 177 -13.61 -14.04 -2.65
N PHE D 178 -12.95 -13.43 -1.69
CA PHE D 178 -13.55 -12.97 -0.43
C PHE D 178 -13.88 -11.48 -0.47
N ILE D 179 -15.14 -11.16 -0.23
CA ILE D 179 -15.65 -9.81 -0.13
C ILE D 179 -15.82 -9.45 1.34
N PRO D 180 -15.12 -8.42 1.82
CA PRO D 180 -15.50 -7.75 3.09
C PRO D 180 -17.00 -7.43 3.19
N ALA D 181 -17.63 -7.96 4.23
CA ALA D 181 -19.03 -7.65 4.53
C ALA D 181 -19.32 -7.79 6.03
N GLN D 182 -20.32 -7.07 6.50
CA GLN D 182 -20.90 -7.30 7.83
C GLN D 182 -22.27 -8.02 7.74
N GLY D 183 -22.52 -8.89 8.72
CA GLY D 183 -23.83 -9.47 8.92
C GLY D 183 -23.77 -10.47 10.07
N GLN D 184 -24.87 -10.53 10.82
CA GLN D 184 -25.01 -11.42 11.97
C GLN D 184 -24.67 -12.91 11.65
N ASP D 185 -25.12 -13.40 10.52
CA ASP D 185 -24.97 -14.80 10.25
C ASP D 185 -23.75 -15.15 9.41
N LEU D 186 -22.77 -14.26 9.32
CA LEU D 186 -21.57 -14.58 8.51
C LEU D 186 -20.59 -15.57 9.17
N THR D 187 -20.66 -15.70 10.50
CA THR D 187 -19.85 -16.64 11.27
C THR D 187 -20.69 -17.62 12.11
N VAL D 188 -21.98 -17.69 11.79
CA VAL D 188 -22.91 -18.59 12.47
C VAL D 188 -22.57 -20.08 12.22
N ASP D 189 -22.80 -20.93 13.22
CA ASP D 189 -22.54 -22.36 13.05
C ASP D 189 -23.31 -22.89 11.87
N ASN D 190 -22.73 -23.81 11.10
CA ASN D 190 -23.38 -24.24 9.89
C ASN D 190 -24.80 -24.84 10.05
N THR D 191 -25.10 -25.44 11.20
CA THR D 191 -26.42 -26.03 11.41
C THR D 191 -27.57 -25.01 11.62
N VAL D 192 -27.27 -23.73 11.76
CA VAL D 192 -28.29 -22.77 12.15
C VAL D 192 -29.16 -22.29 10.96
N THR D 193 -28.52 -22.13 9.79
CA THR D 193 -29.14 -21.45 8.64
C THR D 193 -29.08 -22.27 7.38
N TRP D 194 -29.90 -21.90 6.41
CA TRP D 194 -29.72 -22.31 5.03
C TRP D 194 -28.71 -21.42 4.29
N ASP D 195 -27.50 -21.92 4.13
CA ASP D 195 -26.38 -21.14 3.59
C ASP D 195 -25.35 -22.19 3.10
N LEU D 196 -24.25 -21.73 2.52
CA LEU D 196 -23.02 -22.53 2.34
C LEU D 196 -22.50 -23.11 3.67
N SER D 197 -22.52 -24.44 3.72
CA SER D 197 -22.22 -25.20 4.93
C SER D 197 -20.81 -25.79 4.93
N LEU D 199 -17.11 -26.51 2.12
CA LEU D 199 -16.34 -26.49 0.87
C LEU D 199 -15.48 -27.77 0.83
N LYS D 200 -15.60 -28.56 -0.23
CA LYS D 200 -14.80 -29.78 -0.43
C LYS D 200 -13.65 -29.49 -1.40
N PHE D 201 -12.41 -29.78 -0.99
CA PHE D 201 -11.20 -29.52 -1.77
C PHE D 201 -10.64 -30.87 -2.20
N LEU D 202 -10.73 -31.17 -3.50
CA LEU D 202 -10.10 -32.34 -4.06
C LEU D 202 -8.71 -31.93 -4.45
N VAL D 203 -7.71 -32.60 -3.87
CA VAL D 203 -6.31 -32.17 -3.93
C VAL D 203 -5.46 -33.20 -4.59
N ASN D 204 -4.28 -32.81 -5.02
CA ASN D 204 -3.44 -33.67 -5.85
C ASN D 204 -2.85 -34.86 -5.08
N GLU D 205 -2.59 -34.60 -3.82
CA GLU D 205 -2.01 -35.54 -2.94
C GLU D 205 -2.30 -35.05 -1.51
N LEU D 206 -3.15 -35.77 -0.82
CA LEU D 206 -3.50 -35.39 0.51
C LEU D 206 -2.25 -35.49 1.37
N ASP D 207 -1.96 -34.43 2.12
CA ASP D 207 -0.97 -34.50 3.19
C ASP D 207 -1.62 -34.14 4.52
N ILE D 208 -1.88 -35.18 5.31
CA ILE D 208 -2.57 -35.04 6.57
C ILE D 208 -1.79 -34.18 7.55
N ALA D 209 -0.47 -34.36 7.60
CA ALA D 209 0.37 -33.72 8.62
C ALA D 209 0.40 -32.21 8.47
N SER D 210 0.48 -31.72 7.24
CA SER D 210 0.45 -30.26 7.03
C SER D 210 -0.88 -29.66 7.31
N LEU D 211 -1.94 -30.37 7.02
CA LEU D 211 -3.25 -29.84 7.32
C LEU D 211 -3.44 -29.76 8.85
N ARG D 212 -3.08 -30.82 9.55
CA ARG D 212 -3.01 -30.79 11.03
C ARG D 212 -2.22 -29.59 11.62
N GLN D 213 -1.04 -29.32 11.09
CA GLN D 213 -0.29 -28.10 11.45
C GLN D 213 -1.13 -26.83 11.21
N LYS D 214 -1.69 -26.74 10.01
CA LYS D 214 -2.43 -25.55 9.57
C LYS D 214 -3.64 -25.32 10.49
N PHE D 215 -4.30 -26.42 10.82
CA PHE D 215 -5.50 -26.37 11.64
C PHE D 215 -5.29 -26.63 13.16
N GLU D 216 -4.05 -26.63 13.62
CA GLU D 216 -3.75 -26.91 15.07
C GLU D 216 -4.63 -26.14 16.08
N SER D 217 -4.97 -24.88 15.78
CA SER D 217 -5.71 -24.02 16.75
C SER D 217 -7.25 -24.33 16.81
N THR D 218 -7.63 -25.41 16.15
CA THR D 218 -9.00 -25.71 15.74
C THR D 218 -9.38 -27.16 16.16
N GLU D 219 -10.68 -27.41 16.32
CA GLU D 219 -11.17 -28.79 16.48
C GLU D 219 -11.25 -29.32 15.04
N TYR D 220 -10.59 -30.43 14.76
CA TYR D 220 -10.68 -31.09 13.45
C TYR D 220 -10.93 -32.60 13.58
N PHE D 221 -11.17 -33.25 12.44
CA PHE D 221 -11.42 -34.68 12.41
C PHE D 221 -10.67 -35.30 11.24
N ILE D 222 -9.99 -36.39 11.52
CA ILE D 222 -9.40 -37.27 10.52
C ILE D 222 -9.89 -38.66 10.85
N PRO D 223 -10.39 -39.40 9.87
CA PRO D 223 -10.81 -40.77 10.17
C PRO D 223 -9.62 -41.77 10.21
N LYS D 224 -9.79 -42.92 10.88
CA LYS D 224 -8.74 -43.94 10.94
C LYS D 224 -8.14 -44.20 9.55
N SER D 225 -9.00 -44.16 8.54
CA SER D 225 -8.67 -44.46 7.16
C SER D 225 -7.67 -43.47 6.59
N GLU D 226 -7.68 -42.24 7.12
CA GLU D 226 -6.88 -41.09 6.63
C GLU D 226 -7.26 -40.66 5.21
N LYS D 227 -8.50 -40.96 4.84
CA LYS D 227 -8.96 -40.80 3.48
C LYS D 227 -9.38 -39.33 3.26
N PHE D 228 -9.64 -38.61 4.34
CA PHE D 228 -9.92 -37.19 4.25
C PHE D 228 -9.54 -36.42 5.52
N PHE D 229 -9.59 -35.11 5.42
CA PHE D 229 -9.35 -34.19 6.53
C PHE D 229 -10.55 -33.22 6.57
N LEU D 230 -11.25 -33.16 7.70
CA LEU D 230 -12.31 -32.20 7.88
C LEU D 230 -11.89 -31.19 8.91
N GLY D 231 -11.67 -29.95 8.49
CA GLY D 231 -11.51 -28.86 9.40
C GLY D 231 -12.65 -27.84 9.37
N LYS D 232 -12.49 -26.81 10.19
CA LYS D 232 -13.48 -25.77 10.32
C LYS D 232 -12.88 -24.39 10.15
N ASP D 233 -13.38 -23.65 9.16
CA ASP D 233 -12.88 -22.31 8.89
C ASP D 233 -13.39 -21.37 10.02
N ARG D 234 -12.83 -20.18 10.11
CA ARG D 234 -13.14 -19.27 11.23
C ARG D 234 -14.54 -18.71 11.13
N ASN D 235 -15.16 -18.84 9.95
CA ASN D 235 -16.60 -18.54 9.79
C ASN D 235 -17.55 -19.74 10.00
N ASN D 236 -17.01 -20.84 10.52
CA ASN D 236 -17.73 -22.10 10.76
C ASN D 236 -18.23 -22.89 9.52
N VAL D 237 -17.67 -22.58 8.36
CA VAL D 237 -17.83 -23.39 7.15
C VAL D 237 -16.87 -24.58 7.29
N GLU D 238 -17.39 -25.77 7.03
CA GLU D 238 -16.56 -26.96 7.08
C GLU D 238 -15.69 -27.06 5.82
N LEU D 239 -14.41 -27.40 6.04
CA LEU D 239 -13.37 -27.52 5.00
C LEU D 239 -12.93 -28.98 4.90
N TRP D 240 -13.41 -29.69 3.88
CA TRP D 240 -13.09 -31.11 3.65
C TRP D 240 -12.04 -31.28 2.56
N PHE D 241 -10.91 -31.88 2.93
CA PHE D 241 -9.83 -32.19 2.02
C PHE D 241 -9.75 -33.68 1.75
N GLU D 242 -9.52 -34.04 0.51
CA GLU D 242 -9.52 -35.41 0.08
C GLU D 242 -8.76 -35.44 -1.24
N GLU D 243 -8.02 -36.50 -1.48
CA GLU D 243 -7.27 -36.70 -2.69
C GLU D 243 -8.22 -37.00 -3.82
N VAL D 244 -7.90 -36.49 -5.03
CA VAL D 244 -8.67 -36.81 -6.26
C VAL D 244 -8.72 -38.30 -6.57
#